data_5FIU
#
_entry.id   5FIU
#
_cell.length_a   76.260
_cell.length_b   129.160
_cell.length_c   182.330
_cell.angle_alpha   90.00
_cell.angle_beta   90.00
_cell.angle_gamma   90.00
#
_symmetry.space_group_name_H-M   'C 2 2 21'
#
loop_
_entity.id
_entity.type
_entity.pdbx_description
1 polymer "5'-FLUORO-5'-DEOXY-ADENOSINE SYNTHASE"
2 non-polymer '5,5-DIFLUOROMETHYL ADENOSINE'
3 non-polymer 'L(+)-TARTARIC ACID'
4 water water
#
_entity_poly.entity_id   1
_entity_poly.type   'polypeptide(L)'
_entity_poly.pdbx_seq_one_letter_code
;MAANSTRRPIIAFMSDLGTTDDSVAQCKGLMYSICPDVTVVDVCHSMTPWDVEEGARYIVDLPRFFPEGTVFATTTYPAT
GTTTRSVAVRIKQAAKGGARGQWAGSGAGFERAEGSYIYIAPNNGLLTTVLEEHGYLEAYEVTSPKVIPEQPEPTFYSRE
MVAIPSAHLAAGFPLSEVGRPLEDHEIVRFNRPAVEQDGEALVGVVSAIDHPFGNVWTNIHRTDLEKAGIGYGARLRLTL
DGVLPFEAPLTPTFADAGEIGNIAIYLNSRGYLSIARNAASLAYPYHLKEGMSARVEAR
;
_entity_poly.pdbx_strand_id   A,B,C
#
loop_
_chem_comp.id
_chem_comp.type
_chem_comp.name
_chem_comp.formula
TLA non-polymer 'L(+)-TARTARIC ACID' 'C4 H6 O6'
Y3J non-polymer '5,5-DIFLUOROMETHYL ADENOSINE' 'C10 H11 F2 N5 O3'
#
# COMPACT_ATOMS: atom_id res chain seq x y z
N ARG A 8 -24.01 1.14 4.02
CA ARG A 8 -22.59 0.72 3.75
C ARG A 8 -21.75 1.92 3.26
N PRO A 9 -21.48 2.90 4.14
CA PRO A 9 -20.75 4.09 3.70
C PRO A 9 -19.29 3.80 3.31
N ILE A 10 -18.79 4.60 2.37
CA ILE A 10 -17.41 4.51 1.91
C ILE A 10 -16.75 5.86 2.10
N ILE A 11 -15.51 5.84 2.61
CA ILE A 11 -14.64 6.98 2.56
C ILE A 11 -13.47 6.61 1.66
N ALA A 12 -13.22 7.41 0.63
CA ALA A 12 -12.07 7.19 -0.25
C ALA A 12 -11.05 8.23 0.13
N PHE A 13 -9.85 7.78 0.52
CA PHE A 13 -8.88 8.60 1.25
C PHE A 13 -7.61 8.80 0.42
N MET A 14 -7.31 10.06 0.09
CA MET A 14 -6.11 10.43 -0.66
C MET A 14 -5.32 11.41 0.20
N SER A 15 -4.07 11.07 0.51
CA SER A 15 -3.25 11.98 1.30
C SER A 15 -1.82 12.04 0.81
N ASP A 16 -1.04 12.90 1.43
CA ASP A 16 0.41 12.94 1.22
C ASP A 16 1.17 12.33 2.40
N LEU A 17 0.52 11.47 3.18
CA LEU A 17 1.09 10.98 4.43
C LEU A 17 2.05 9.79 4.23
N GLY A 18 2.05 9.19 3.03
CA GLY A 18 2.92 8.06 2.75
C GLY A 18 2.44 6.77 3.38
N THR A 19 3.18 5.71 3.14
CA THR A 19 2.83 4.39 3.69
C THR A 19 4.04 3.78 4.41
N THR A 20 4.90 4.64 4.96
CA THR A 20 6.14 4.21 5.62
C THR A 20 6.04 4.24 7.15
N ASP A 21 4.94 4.75 7.70
CA ASP A 21 4.70 4.68 9.11
C ASP A 21 3.22 4.53 9.38
N ASP A 22 2.82 4.71 10.64
CA ASP A 22 1.44 4.51 11.07
C ASP A 22 0.49 5.70 10.85
N SER A 23 0.89 6.73 10.11
CA SER A 23 0.08 7.97 10.01
C SER A 23 -1.31 7.73 9.41
N VAL A 24 -1.35 7.04 8.29
CA VAL A 24 -2.62 6.71 7.63
C VAL A 24 -3.47 5.83 8.56
N ALA A 25 -2.83 4.86 9.22
CA ALA A 25 -3.53 3.98 10.14
C ALA A 25 -4.16 4.72 11.33
N GLN A 26 -3.51 5.79 11.81
CA GLN A 26 -4.13 6.61 12.88
C GLN A 26 -5.44 7.23 12.41
N CYS A 27 -5.41 7.75 11.18
CA CYS A 27 -6.59 8.30 10.53
C CYS A 27 -7.68 7.24 10.37
N LYS A 28 -7.29 6.06 9.88
CA LYS A 28 -8.24 4.96 9.70
C LYS A 28 -8.87 4.48 10.98
N GLY A 29 -8.07 4.36 12.04
CA GLY A 29 -8.59 3.97 13.36
C GLY A 29 -9.71 4.91 13.79
N LEU A 30 -9.48 6.21 13.63
CA LEU A 30 -10.51 7.20 13.96
C LEU A 30 -11.74 7.11 13.06
N MET A 31 -11.54 6.82 11.78
CA MET A 31 -12.66 6.65 10.85
C MET A 31 -13.57 5.48 11.24
N TYR A 32 -12.97 4.33 11.58
CA TYR A 32 -13.73 3.18 12.12
C TYR A 32 -14.32 3.43 13.49
N SER A 33 -13.67 4.26 14.30
CA SER A 33 -14.22 4.64 15.61
C SER A 33 -15.50 5.43 15.44
N ILE A 34 -15.48 6.39 14.51
CA ILE A 34 -16.61 7.32 14.31
C ILE A 34 -17.74 6.66 13.52
N CYS A 35 -17.39 5.85 12.52
CA CYS A 35 -18.36 5.23 11.61
C CYS A 35 -18.04 3.75 11.51
N PRO A 36 -18.54 2.94 12.46
CA PRO A 36 -18.09 1.53 12.56
C PRO A 36 -18.35 0.67 11.32
N ASP A 37 -19.39 1.01 10.55
CA ASP A 37 -19.73 0.26 9.33
C ASP A 37 -19.01 0.75 8.07
N VAL A 38 -18.13 1.74 8.18
CA VAL A 38 -17.49 2.32 7.01
C VAL A 38 -16.52 1.36 6.32
N THR A 39 -16.38 1.51 5.00
CA THR A 39 -15.27 0.93 4.27
C THR A 39 -14.34 2.06 3.87
N VAL A 40 -13.06 1.97 4.25
CA VAL A 40 -12.08 2.98 3.88
C VAL A 40 -11.32 2.42 2.68
N VAL A 41 -11.35 3.16 1.59
CA VAL A 41 -10.67 2.79 0.36
C VAL A 41 -9.51 3.77 0.19
N ASP A 42 -8.29 3.23 0.11
CA ASP A 42 -7.14 4.06 -0.16
C ASP A 42 -7.18 4.46 -1.63
N VAL A 43 -7.06 5.76 -1.87
CA VAL A 43 -6.84 6.25 -3.24
C VAL A 43 -5.34 6.11 -3.47
N CYS A 44 -4.58 6.95 -2.79
CA CYS A 44 -3.11 6.84 -2.80
CA CYS A 44 -3.14 6.92 -2.82
C CYS A 44 -2.61 7.79 -1.71
N HIS A 45 -1.41 7.50 -1.24
CA HIS A 45 -0.78 8.27 -0.17
C HIS A 45 0.63 8.72 -0.49
N SER A 46 1.00 8.61 -1.78
CA SER A 46 2.39 8.79 -2.21
C SER A 46 2.60 10.06 -3.04
N MET A 47 1.59 10.94 -3.13
CA MET A 47 1.75 12.20 -3.87
C MET A 47 2.94 12.99 -3.32
N THR A 48 3.56 13.79 -4.18
CA THR A 48 4.60 14.71 -3.74
C THR A 48 3.99 15.64 -2.71
N PRO A 49 4.58 15.70 -1.50
CA PRO A 49 3.99 16.57 -0.50
C PRO A 49 3.84 17.99 -0.96
N TRP A 50 2.68 18.58 -0.67
CA TRP A 50 2.39 20.00 -0.89
C TRP A 50 2.16 20.37 -2.37
N ASP A 51 2.13 19.39 -3.26
CA ASP A 51 1.92 19.65 -4.68
C ASP A 51 0.42 19.50 -4.94
N VAL A 52 -0.32 20.60 -4.80
CA VAL A 52 -1.79 20.54 -4.89
C VAL A 52 -2.27 20.12 -6.27
N GLU A 53 -1.53 20.51 -7.31
CA GLU A 53 -1.91 20.14 -8.68
C GLU A 53 -1.81 18.64 -8.91
N GLU A 54 -0.81 18.00 -8.34
CA GLU A 54 -0.66 16.55 -8.46
C GLU A 54 -1.76 15.82 -7.69
N GLY A 55 -1.99 16.24 -6.46
CA GLY A 55 -3.10 15.71 -5.64
C GLY A 55 -4.43 15.81 -6.36
N ALA A 56 -4.66 16.96 -7.01
CA ALA A 56 -5.88 17.19 -7.79
C ALA A 56 -6.09 16.13 -8.87
N ARG A 57 -5.02 15.73 -9.56
CA ARG A 57 -5.08 14.70 -10.60
C ARG A 57 -5.52 13.35 -10.08
N TYR A 58 -5.20 13.05 -8.82
CA TYR A 58 -5.55 11.76 -8.24
C TYR A 58 -6.99 11.69 -7.72
N ILE A 59 -7.70 12.82 -7.68
CA ILE A 59 -9.05 12.86 -7.10
C ILE A 59 -10.15 13.32 -8.05
N VAL A 60 -9.79 14.00 -9.13
CA VAL A 60 -10.77 14.55 -10.05
C VAL A 60 -11.63 13.51 -10.80
N ASP A 61 -11.06 12.36 -11.12
CA ASP A 61 -11.74 11.32 -11.90
C ASP A 61 -12.54 10.31 -11.06
N LEU A 62 -12.49 10.41 -9.75
CA LEU A 62 -13.03 9.37 -8.86
C LEU A 62 -14.55 9.17 -8.84
N PRO A 63 -15.35 10.25 -8.84
CA PRO A 63 -16.78 10.05 -8.50
C PRO A 63 -17.56 9.01 -9.29
N ARG A 64 -17.41 8.96 -10.60
CA ARG A 64 -18.21 8.01 -11.42
C ARG A 64 -17.93 6.54 -11.06
N PHE A 65 -16.77 6.27 -10.45
CA PHE A 65 -16.41 4.91 -10.10
C PHE A 65 -17.03 4.43 -8.80
N PHE A 66 -17.44 5.36 -7.93
CA PHE A 66 -17.85 5.02 -6.58
C PHE A 66 -19.35 5.05 -6.38
N PRO A 67 -19.85 4.25 -5.42
CA PRO A 67 -21.28 4.31 -5.07
C PRO A 67 -21.68 5.69 -4.62
N GLU A 68 -22.91 6.05 -4.95
CA GLU A 68 -23.48 7.32 -4.50
C GLU A 68 -23.46 7.35 -2.98
N GLY A 69 -23.14 8.53 -2.44
CA GLY A 69 -23.00 8.71 -1.01
C GLY A 69 -21.55 8.62 -0.53
N THR A 70 -20.62 8.25 -1.41
CA THR A 70 -19.20 8.17 -1.06
C THR A 70 -18.66 9.55 -0.65
N VAL A 71 -17.85 9.56 0.40
CA VAL A 71 -17.15 10.74 0.86
C VAL A 71 -15.69 10.61 0.44
N PHE A 72 -15.18 11.67 -0.20
CA PHE A 72 -13.78 11.73 -0.62
C PHE A 72 -13.03 12.62 0.36
N ALA A 73 -12.11 12.00 1.12
CA ALA A 73 -11.25 12.69 2.07
C ALA A 73 -9.91 12.87 1.41
N THR A 74 -9.59 14.10 1.04
CA THR A 74 -8.48 14.36 0.11
C THR A 74 -7.62 15.46 0.70
N THR A 75 -6.34 15.17 0.96
CA THR A 75 -5.53 16.14 1.72
C THR A 75 -4.01 16.13 1.52
N THR A 76 -3.49 17.32 1.21
CA THR A 76 -2.12 17.71 1.52
C THR A 76 -2.29 19.02 2.28
N TYR A 77 -1.68 19.12 3.46
CA TYR A 77 -2.04 20.19 4.41
C TYR A 77 -0.82 21.00 4.91
N PRO A 78 -0.11 21.68 3.99
CA PRO A 78 1.05 22.47 4.42
C PRO A 78 0.72 23.64 5.36
N ALA A 79 -0.53 24.10 5.36
CA ALA A 79 -0.95 25.15 6.30
C ALA A 79 -1.47 24.57 7.62
N THR A 80 -1.13 23.31 7.93
CA THR A 80 -1.54 22.67 9.18
C THR A 80 -1.14 23.52 10.38
N GLY A 81 -2.06 23.60 11.35
CA GLY A 81 -1.85 24.30 12.59
C GLY A 81 -2.11 25.79 12.54
N THR A 82 -2.60 26.30 11.40
CA THR A 82 -2.92 27.72 11.26
C THR A 82 -4.43 27.87 11.45
N THR A 83 -4.91 29.10 11.34
CA THR A 83 -6.34 29.37 11.45
C THR A 83 -7.17 28.90 10.27
N THR A 84 -6.55 28.42 9.19
CA THR A 84 -7.28 27.88 8.06
C THR A 84 -8.18 26.73 8.52
N ARG A 85 -9.28 26.56 7.80
CA ARG A 85 -10.18 25.44 8.03
C ARG A 85 -10.53 24.78 6.71
N SER A 86 -10.82 23.49 6.78
CA SER A 86 -11.13 22.72 5.60
C SER A 86 -12.45 23.17 4.98
N VAL A 87 -12.62 22.81 3.71
CA VAL A 87 -13.87 23.01 2.99
C VAL A 87 -14.48 21.65 2.75
N ALA A 88 -15.81 21.56 2.94
CA ALA A 88 -16.58 20.37 2.56
C ALA A 88 -17.60 20.78 1.50
N VAL A 89 -17.61 20.07 0.37
CA VAL A 89 -18.46 20.43 -0.75
C VAL A 89 -19.24 19.22 -1.23
N ARG A 90 -20.48 19.44 -1.61
CA ARG A 90 -21.27 18.45 -2.31
C ARG A 90 -21.18 18.82 -3.79
N ILE A 91 -20.61 17.91 -4.60
CA ILE A 91 -20.45 18.16 -6.02
C ILE A 91 -21.79 18.01 -6.74
N LYS A 92 -21.86 18.56 -7.94
CA LYS A 92 -23.08 18.50 -8.72
C LYS A 92 -23.05 17.26 -9.62
N GLN A 93 -22.32 17.33 -10.72
CA GLN A 93 -22.30 16.25 -11.71
C GLN A 93 -21.22 15.27 -11.33
N ALA A 94 -21.56 13.98 -11.31
CA ALA A 94 -20.56 12.94 -11.13
C ALA A 94 -19.62 12.92 -12.32
N ALA A 95 -20.15 13.20 -13.51
CA ALA A 95 -19.37 13.46 -14.73
C ALA A 95 -18.83 12.19 -15.35
N LYS A 96 -19.08 12.08 -16.65
CA LYS A 96 -18.51 11.01 -17.47
C LYS A 96 -17.03 11.28 -17.65
N GLY A 97 -16.30 10.26 -18.08
CA GLY A 97 -14.85 10.38 -18.29
C GLY A 97 -14.31 9.39 -19.29
N GLY A 98 -12.98 9.29 -19.34
CA GLY A 98 -12.32 8.36 -20.24
C GLY A 98 -11.92 8.98 -21.55
N ALA A 99 -11.29 8.17 -22.40
CA ALA A 99 -10.91 8.58 -23.73
C ALA A 99 -12.13 9.07 -24.55
N ARG A 100 -13.28 8.42 -24.39
CA ARG A 100 -14.50 8.74 -25.14
C ARG A 100 -15.51 9.67 -24.40
N GLY A 101 -15.54 9.66 -23.07
CA GLY A 101 -16.54 10.39 -22.29
C GLY A 101 -17.78 9.52 -22.05
N GLN A 102 -17.68 8.63 -21.06
CA GLN A 102 -18.78 7.67 -20.75
C GLN A 102 -18.91 7.40 -19.25
N TRP A 103 -20.00 6.73 -18.87
CA TRP A 103 -20.16 6.20 -17.52
C TRP A 103 -19.28 4.96 -17.37
N ALA A 104 -18.86 4.70 -16.15
CA ALA A 104 -18.00 3.54 -15.82
C ALA A 104 -18.86 2.36 -15.42
N GLY A 105 -18.34 1.16 -15.64
CA GLY A 105 -19.03 -0.06 -15.22
C GLY A 105 -19.39 -0.96 -16.39
N SER A 106 -19.98 -2.11 -16.04
CA SER A 106 -20.41 -3.09 -17.04
C SER A 106 -21.62 -2.57 -17.79
N GLY A 107 -21.96 -3.22 -18.89
CA GLY A 107 -23.09 -2.80 -19.73
C GLY A 107 -22.86 -1.40 -20.25
N ALA A 108 -23.87 -0.54 -20.13
CA ALA A 108 -23.75 0.85 -20.54
C ALA A 108 -23.14 1.74 -19.47
N GLY A 109 -22.72 1.14 -18.33
CA GLY A 109 -22.12 1.89 -17.23
C GLY A 109 -23.14 2.24 -16.18
N PHE A 110 -22.66 2.78 -15.07
CA PHE A 110 -23.48 3.09 -13.92
C PHE A 110 -23.71 4.59 -13.91
N GLU A 111 -24.92 4.99 -14.27
CA GLU A 111 -25.28 6.41 -14.27
C GLU A 111 -25.34 6.86 -12.81
N ARG A 112 -24.71 7.99 -12.50
CA ARG A 112 -24.72 8.48 -11.13
C ARG A 112 -25.58 9.71 -11.01
N ALA A 113 -26.44 9.73 -9.98
CA ALA A 113 -27.30 10.87 -9.68
C ALA A 113 -26.47 12.10 -9.33
N GLU A 114 -27.02 13.28 -9.63
CA GLU A 114 -26.37 14.53 -9.24
C GLU A 114 -26.36 14.69 -7.72
N GLY A 115 -25.43 15.47 -7.21
CA GLY A 115 -25.39 15.79 -5.77
C GLY A 115 -25.07 14.62 -4.85
N SER A 116 -24.38 13.60 -5.36
CA SER A 116 -24.26 12.33 -4.67
C SER A 116 -22.90 12.07 -4.00
N TYR A 117 -21.98 13.04 -4.07
CA TYR A 117 -20.64 12.85 -3.52
C TYR A 117 -20.20 14.09 -2.78
N ILE A 118 -19.49 13.88 -1.67
CA ILE A 118 -18.94 14.95 -0.88
C ILE A 118 -17.42 14.86 -0.92
N TYR A 119 -16.75 15.98 -1.14
CA TYR A 119 -15.31 16.06 -0.95
C TYR A 119 -15.05 16.91 0.27
N ILE A 120 -14.07 16.51 1.06
CA ILE A 120 -13.58 17.32 2.16
C ILE A 120 -12.06 17.41 2.04
N ALA A 121 -11.57 18.64 2.13
CA ALA A 121 -10.19 18.96 1.84
C ALA A 121 -9.74 20.23 2.51
N PRO A 122 -8.42 20.39 2.67
CA PRO A 122 -7.92 21.74 2.99
C PRO A 122 -8.40 22.74 1.94
N ASN A 123 -8.66 23.97 2.38
CA ASN A 123 -9.09 25.01 1.47
C ASN A 123 -7.84 25.68 0.92
N ASN A 124 -7.11 24.94 0.10
CA ASN A 124 -5.82 25.39 -0.46
C ASN A 124 -5.72 25.19 -1.97
N GLY A 125 -6.86 25.00 -2.64
CA GLY A 125 -6.88 24.76 -4.07
C GLY A 125 -6.81 23.31 -4.51
N LEU A 126 -6.68 22.37 -3.58
CA LEU A 126 -6.67 20.95 -3.93
C LEU A 126 -7.89 20.52 -4.74
N LEU A 127 -9.05 21.10 -4.43
CA LEU A 127 -10.29 20.79 -5.14
C LEU A 127 -10.55 21.60 -6.43
N THR A 128 -9.57 22.36 -6.92
CA THR A 128 -9.77 23.22 -8.10
C THR A 128 -10.38 22.46 -9.30
N THR A 129 -9.74 21.37 -9.71
CA THR A 129 -10.24 20.64 -10.88
C THR A 129 -11.50 19.85 -10.58
N VAL A 130 -11.66 19.38 -9.34
CA VAL A 130 -12.93 18.78 -8.92
C VAL A 130 -14.10 19.73 -9.18
N LEU A 131 -13.95 20.97 -8.73
CA LEU A 131 -15.02 21.96 -8.86
C LEU A 131 -15.24 22.36 -10.31
N GLU A 132 -14.16 22.52 -11.08
CA GLU A 132 -14.25 22.79 -12.52
C GLU A 132 -15.03 21.74 -13.29
N GLU A 133 -14.69 20.47 -13.05
CA GLU A 133 -15.22 19.38 -13.85
C GLU A 133 -16.55 18.84 -13.37
N HIS A 134 -16.85 18.98 -12.08
CA HIS A 134 -18.08 18.45 -11.51
C HIS A 134 -19.08 19.53 -11.09
N GLY A 135 -18.62 20.77 -10.89
CA GLY A 135 -19.43 21.80 -10.24
C GLY A 135 -19.74 21.45 -8.80
N TYR A 136 -20.49 22.31 -8.14
CA TYR A 136 -20.95 21.99 -6.78
C TYR A 136 -22.27 22.65 -6.44
N LEU A 137 -22.97 22.04 -5.49
CA LEU A 137 -24.27 22.51 -5.01
C LEU A 137 -24.19 23.29 -3.72
N GLU A 138 -23.23 22.96 -2.86
CA GLU A 138 -23.05 23.64 -1.60
C GLU A 138 -21.62 23.40 -1.10
N ALA A 139 -21.11 24.36 -0.35
CA ALA A 139 -19.77 24.33 0.19
C ALA A 139 -19.79 24.97 1.56
N TYR A 140 -19.14 24.34 2.54
CA TYR A 140 -19.08 24.82 3.92
C TYR A 140 -17.68 24.78 4.47
N GLU A 141 -17.41 25.71 5.39
CA GLU A 141 -16.21 25.74 6.17
C GLU A 141 -16.38 24.71 7.28
N VAL A 142 -15.35 23.91 7.56
CA VAL A 142 -15.45 22.84 8.56
C VAL A 142 -14.90 23.35 9.89
N THR A 143 -15.82 23.76 10.77
CA THR A 143 -15.46 24.37 12.06
C THR A 143 -16.12 23.77 13.31
N SER A 144 -17.21 23.01 13.15
CA SER A 144 -17.95 22.55 14.31
C SER A 144 -17.14 21.55 15.15
N PRO A 145 -17.05 21.76 16.48
CA PRO A 145 -16.39 20.79 17.35
C PRO A 145 -17.12 19.45 17.47
N LYS A 146 -18.30 19.33 16.87
CA LYS A 146 -18.91 18.03 16.67
C LYS A 146 -18.18 17.15 15.64
N VAL A 147 -17.43 17.78 14.73
CA VAL A 147 -16.75 17.05 13.65
C VAL A 147 -15.25 17.24 13.56
N ILE A 148 -14.68 18.20 14.30
CA ILE A 148 -13.24 18.36 14.42
C ILE A 148 -12.86 18.46 15.90
N PRO A 149 -11.58 18.19 16.23
CA PRO A 149 -11.14 18.34 17.61
C PRO A 149 -11.24 19.78 18.10
N GLU A 150 -11.64 19.94 19.36
CA GLU A 150 -11.58 21.24 20.03
C GLU A 150 -10.15 21.73 20.15
N GLN A 151 -9.20 20.81 20.32
CA GLN A 151 -7.78 21.13 20.43
C GLN A 151 -7.00 20.33 19.36
N PRO A 152 -7.04 20.80 18.09
CA PRO A 152 -6.46 19.99 17.01
C PRO A 152 -4.93 19.92 17.11
N GLU A 153 -4.37 18.74 16.83
CA GLU A 153 -2.92 18.56 16.75
C GLU A 153 -2.34 19.52 15.72
N PRO A 154 -1.44 20.43 16.13
CA PRO A 154 -1.00 21.46 15.19
C PRO A 154 -0.39 20.95 13.88
N THR A 155 0.38 19.88 13.94
CA THR A 155 1.08 19.37 12.76
C THR A 155 0.36 18.21 12.09
N PHE A 156 -0.92 17.98 12.43
CA PHE A 156 -1.65 16.85 11.81
C PHE A 156 -3.07 17.20 11.37
N TYR A 157 -3.25 18.34 10.71
CA TYR A 157 -4.58 18.71 10.21
C TYR A 157 -5.16 17.76 9.17
N SER A 158 -4.34 16.99 8.45
CA SER A 158 -4.88 15.95 7.56
C SER A 158 -5.74 14.94 8.32
N ARG A 159 -5.37 14.67 9.55
CA ARG A 159 -6.16 13.81 10.45
C ARG A 159 -7.30 14.62 11.08
N GLU A 160 -6.96 15.77 11.67
CA GLU A 160 -7.91 16.52 12.52
C GLU A 160 -9.04 17.18 11.71
N MET A 161 -8.69 17.72 10.55
CA MET A 161 -9.57 18.56 9.74
C MET A 161 -10.00 17.92 8.42
N VAL A 162 -9.61 16.66 8.19
CA VAL A 162 -10.05 15.95 7.01
C VAL A 162 -10.53 14.55 7.39
N ALA A 163 -9.65 13.71 7.92
CA ALA A 163 -10.01 12.31 8.24
C ALA A 163 -11.19 12.22 9.22
N ILE A 164 -11.05 12.92 10.33
CA ILE A 164 -12.07 12.90 11.39
C ILE A 164 -13.43 13.39 10.87
N PRO A 165 -13.49 14.63 10.34
CA PRO A 165 -14.80 15.09 9.85
C PRO A 165 -15.34 14.28 8.69
N SER A 166 -14.48 13.70 7.84
CA SER A 166 -14.99 12.82 6.78
C SER A 166 -15.77 11.64 7.33
N ALA A 167 -15.33 11.09 8.46
CA ALA A 167 -15.97 9.94 9.07
C ALA A 167 -17.33 10.33 9.66
N HIS A 168 -17.41 11.52 10.24
CA HIS A 168 -18.69 12.07 10.69
C HIS A 168 -19.68 12.22 9.54
N LEU A 169 -19.20 12.77 8.40
CA LEU A 169 -20.02 12.91 7.21
C LEU A 169 -20.43 11.54 6.68
N ALA A 170 -19.52 10.58 6.65
CA ALA A 170 -19.89 9.22 6.24
C ALA A 170 -20.94 8.59 7.16
N ALA A 171 -20.84 8.91 8.46
CA ALA A 171 -21.81 8.45 9.48
C ALA A 171 -23.15 9.19 9.47
N GLY A 172 -23.31 10.20 8.61
CA GLY A 172 -24.60 10.85 8.41
C GLY A 172 -24.72 12.19 9.08
N PHE A 173 -23.61 12.73 9.60
CA PHE A 173 -23.65 14.09 10.15
C PHE A 173 -24.06 15.05 9.03
N PRO A 174 -25.05 15.95 9.28
CA PRO A 174 -25.55 16.80 8.20
C PRO A 174 -24.48 17.74 7.66
N LEU A 175 -24.27 17.72 6.34
CA LEU A 175 -23.20 18.50 5.72
C LEU A 175 -23.32 19.97 6.08
N SER A 176 -24.54 20.50 6.07
CA SER A 176 -24.71 21.94 6.31
C SER A 176 -24.45 22.37 7.77
N GLU A 177 -24.32 21.42 8.70
CA GLU A 177 -23.98 21.71 10.09
C GLU A 177 -22.47 21.72 10.41
N VAL A 178 -21.59 21.47 9.43
CA VAL A 178 -20.15 21.44 9.72
C VAL A 178 -19.58 22.84 9.97
N GLY A 179 -20.26 23.85 9.44
CA GLY A 179 -19.90 25.24 9.69
C GLY A 179 -20.59 26.12 8.67
N ARG A 180 -20.15 27.38 8.57
CA ARG A 180 -20.86 28.36 7.74
C ARG A 180 -20.70 28.08 6.24
N PRO A 181 -21.68 28.49 5.43
CA PRO A 181 -21.52 28.34 3.98
C PRO A 181 -20.41 29.26 3.46
N LEU A 182 -19.69 28.76 2.46
CA LEU A 182 -18.61 29.52 1.83
C LEU A 182 -19.10 30.08 0.52
N GLU A 183 -18.80 31.35 0.26
CA GLU A 183 -19.05 31.93 -1.05
C GLU A 183 -17.98 31.41 -2.00
N ASP A 184 -18.30 31.44 -3.29
CA ASP A 184 -17.42 30.87 -4.31
C ASP A 184 -16.01 31.46 -4.26
N HIS A 185 -15.91 32.77 -4.06
CA HIS A 185 -14.60 33.45 -4.01
C HIS A 185 -13.76 33.08 -2.79
N GLU A 186 -14.36 32.50 -1.76
CA GLU A 186 -13.62 32.07 -0.56
C GLU A 186 -13.03 30.66 -0.72
N ILE A 187 -13.35 29.97 -1.81
CA ILE A 187 -12.80 28.65 -2.07
C ILE A 187 -11.56 28.88 -2.93
N VAL A 188 -10.41 28.58 -2.37
CA VAL A 188 -9.13 28.84 -3.01
C VAL A 188 -8.99 27.97 -4.27
N ARG A 189 -8.45 28.57 -5.33
CA ARG A 189 -8.18 27.88 -6.59
C ARG A 189 -6.73 28.04 -6.96
N PHE A 190 -6.14 27.02 -7.58
CA PHE A 190 -4.88 27.19 -8.30
C PHE A 190 -5.18 27.52 -9.78
N ASN A 191 -4.26 28.21 -10.42
CA ASN A 191 -4.36 28.54 -11.86
C ASN A 191 -3.97 27.34 -12.71
N ARG A 192 -4.85 26.93 -13.61
CA ARG A 192 -4.54 25.85 -14.54
C ARG A 192 -3.98 26.50 -15.80
N PRO A 193 -2.68 26.29 -16.10
CA PRO A 193 -2.15 26.87 -17.34
C PRO A 193 -2.85 26.26 -18.55
N ALA A 194 -3.22 27.12 -19.50
CA ALA A 194 -4.01 26.69 -20.65
C ALA A 194 -3.13 26.02 -21.70
N VAL A 195 -3.77 25.19 -22.50
CA VAL A 195 -3.18 24.65 -23.72
C VAL A 195 -3.32 25.75 -24.77
N GLU A 196 -2.19 26.14 -25.38
CA GLU A 196 -2.17 27.21 -26.38
C GLU A 196 -2.28 26.62 -27.78
N GLN A 197 -2.99 27.31 -28.67
CA GLN A 197 -2.86 27.09 -30.12
C GLN A 197 -1.74 28.00 -30.62
N ASP A 198 -0.86 27.43 -31.44
CA ASP A 198 0.34 28.13 -31.91
C ASP A 198 0.49 27.83 -33.40
N GLY A 199 -0.28 28.57 -34.19
CA GLY A 199 -0.52 28.23 -35.58
C GLY A 199 -1.45 27.02 -35.59
N GLU A 200 -1.04 25.96 -36.27
CA GLU A 200 -1.79 24.69 -36.32
C GLU A 200 -1.55 23.79 -35.10
N ALA A 201 -0.40 23.97 -34.43
CA ALA A 201 0.01 23.11 -33.31
C ALA A 201 -0.69 23.45 -32.00
N LEU A 202 -0.84 22.43 -31.14
CA LEU A 202 -1.28 22.60 -29.75
C LEU A 202 -0.07 22.49 -28.84
N VAL A 203 0.06 23.42 -27.90
CA VAL A 203 1.25 23.53 -27.07
C VAL A 203 0.85 23.44 -25.60
N GLY A 204 1.33 22.38 -24.95
CA GLY A 204 1.03 22.10 -23.56
C GLY A 204 2.25 21.61 -22.84
N VAL A 205 2.04 20.74 -21.86
CA VAL A 205 3.12 20.23 -21.00
C VAL A 205 2.87 18.75 -20.72
N VAL A 206 3.91 18.06 -20.32
CA VAL A 206 3.79 16.73 -19.73
C VAL A 206 3.22 16.97 -18.33
N SER A 207 2.00 16.50 -18.10
CA SER A 207 1.34 16.63 -16.79
C SER A 207 1.84 15.59 -15.78
N ALA A 208 2.22 14.41 -16.28
CA ALA A 208 2.67 13.32 -15.42
C ALA A 208 3.43 12.27 -16.19
N ILE A 209 4.40 11.67 -15.50
CA ILE A 209 4.95 10.40 -15.93
C ILE A 209 4.05 9.36 -15.26
N ASP A 210 3.50 8.49 -16.09
CA ASP A 210 2.53 7.53 -15.67
C ASP A 210 3.21 6.29 -15.11
N HIS A 211 3.43 6.29 -13.80
CA HIS A 211 4.10 5.17 -13.13
C HIS A 211 3.08 4.06 -12.94
N PRO A 212 3.47 2.79 -12.98
CA PRO A 212 4.85 2.30 -13.08
C PRO A 212 5.31 2.01 -14.51
N PHE A 213 4.57 2.47 -15.50
CA PHE A 213 4.81 2.08 -16.91
C PHE A 213 5.84 2.99 -17.59
N GLY A 214 5.93 4.23 -17.12
CA GLY A 214 6.69 5.25 -17.82
C GLY A 214 6.04 5.73 -19.11
N ASN A 215 4.72 5.73 -19.15
CA ASN A 215 4.00 6.44 -20.21
C ASN A 215 4.07 7.93 -19.91
N VAL A 216 3.87 8.75 -20.94
CA VAL A 216 3.95 10.20 -20.80
C VAL A 216 2.56 10.77 -21.03
N TRP A 217 2.03 11.42 -20.00
CA TRP A 217 0.70 12.02 -20.05
C TRP A 217 0.85 13.52 -20.22
N THR A 218 0.07 14.11 -21.12
CA THR A 218 0.10 15.55 -21.34
C THR A 218 -1.17 16.17 -20.81
N ASN A 219 -1.17 17.49 -20.71
CA ASN A 219 -2.40 18.25 -20.42
C ASN A 219 -3.24 18.63 -21.65
N ILE A 220 -2.96 18.02 -22.80
CA ILE A 220 -3.74 18.25 -24.01
C ILE A 220 -4.90 17.27 -24.02
N HIS A 221 -6.12 17.81 -23.88
CA HIS A 221 -7.33 17.01 -23.70
C HIS A 221 -7.92 16.61 -25.04
N ARG A 222 -8.73 15.56 -25.05
CA ARG A 222 -9.53 15.18 -26.23
C ARG A 222 -10.20 16.41 -26.87
N THR A 223 -10.80 17.26 -26.05
CA THR A 223 -11.51 18.44 -26.51
C THR A 223 -10.61 19.43 -27.23
N ASP A 224 -9.36 19.56 -26.77
CA ASP A 224 -8.35 20.35 -27.48
C ASP A 224 -8.03 19.74 -28.85
N LEU A 225 -7.92 18.41 -28.91
CA LEU A 225 -7.67 17.72 -30.19
C LEU A 225 -8.86 17.87 -31.15
N GLU A 226 -10.07 17.67 -30.63
CA GLU A 226 -11.29 17.84 -31.43
C GLU A 226 -11.40 19.26 -32.02
N LYS A 227 -11.10 20.25 -31.20
CA LYS A 227 -11.02 21.65 -31.65
C LYS A 227 -10.10 21.88 -32.85
N ALA A 228 -9.01 21.13 -32.93
CA ALA A 228 -8.06 21.22 -34.06
C ALA A 228 -8.34 20.20 -35.17
N GLY A 229 -9.46 19.49 -35.10
CA GLY A 229 -9.81 18.45 -36.07
C GLY A 229 -9.01 17.14 -36.01
N ILE A 230 -8.27 16.92 -34.92
CA ILE A 230 -7.42 15.73 -34.78
C ILE A 230 -8.28 14.61 -34.20
N GLY A 231 -8.40 13.52 -34.95
CA GLY A 231 -9.10 12.31 -34.51
C GLY A 231 -8.21 11.09 -34.71
N TYR A 232 -8.70 9.94 -34.28
CA TYR A 232 -7.97 8.68 -34.43
C TYR A 232 -7.59 8.48 -35.90
N GLY A 233 -6.35 8.04 -36.13
CA GLY A 233 -5.81 7.85 -37.48
C GLY A 233 -4.93 8.97 -37.98
N ALA A 234 -5.05 10.17 -37.40
CA ALA A 234 -4.25 11.31 -37.83
C ALA A 234 -2.77 11.10 -37.53
N ARG A 235 -1.92 11.31 -38.54
CA ARG A 235 -0.47 11.27 -38.35
C ARG A 235 -0.02 12.50 -37.57
N LEU A 236 0.56 12.27 -36.39
CA LEU A 236 0.94 13.37 -35.51
C LEU A 236 2.44 13.42 -35.34
N ARG A 237 2.92 14.64 -35.12
CA ARG A 237 4.27 14.91 -34.67
C ARG A 237 4.08 15.48 -33.26
N LEU A 238 4.59 14.76 -32.27
CA LEU A 238 4.49 15.17 -30.88
C LEU A 238 5.90 15.41 -30.40
N THR A 239 6.23 16.66 -30.09
CA THR A 239 7.57 17.03 -29.64
C THR A 239 7.62 17.25 -28.13
N LEU A 240 8.55 16.59 -27.45
CA LEU A 240 8.73 16.75 -26.01
C LEU A 240 10.00 17.47 -25.67
N ASP A 241 9.93 18.32 -24.64
CA ASP A 241 11.08 19.03 -24.10
C ASP A 241 11.75 19.97 -25.13
N GLY A 242 11.00 20.41 -26.12
CA GLY A 242 11.51 21.25 -27.20
C GLY A 242 12.33 20.54 -28.29
N VAL A 243 12.77 19.31 -28.04
CA VAL A 243 13.81 18.67 -28.88
C VAL A 243 13.65 17.21 -29.25
N LEU A 244 13.01 16.39 -28.42
CA LEU A 244 12.66 15.01 -28.78
C LEU A 244 11.35 14.95 -29.54
N PRO A 245 11.40 14.88 -30.88
CA PRO A 245 10.18 14.70 -31.63
C PRO A 245 9.86 13.20 -31.68
N PHE A 246 8.57 12.89 -31.70
CA PHE A 246 8.07 11.58 -32.08
C PHE A 246 7.00 11.70 -33.15
N GLU A 247 6.84 10.65 -33.95
CA GLU A 247 5.84 10.62 -34.99
C GLU A 247 5.10 9.30 -34.99
N ALA A 248 3.78 9.38 -34.95
CA ALA A 248 2.92 8.21 -34.99
C ALA A 248 1.49 8.66 -35.24
N PRO A 249 0.65 7.75 -35.76
CA PRO A 249 -0.77 8.07 -35.82
C PRO A 249 -1.40 8.03 -34.43
N LEU A 250 -2.47 8.78 -34.22
CA LEU A 250 -3.25 8.69 -32.99
C LEU A 250 -4.04 7.41 -33.01
N THR A 251 -3.83 6.56 -32.02
CA THR A 251 -4.50 5.27 -31.93
C THR A 251 -5.20 5.11 -30.58
N PRO A 252 -6.21 4.23 -30.51
CA PRO A 252 -6.84 3.98 -29.22
C PRO A 252 -5.95 3.37 -28.13
N THR A 253 -4.98 2.54 -28.53
CA THR A 253 -4.23 1.79 -27.52
C THR A 253 -2.78 1.47 -27.93
N PHE A 254 -2.07 0.85 -26.99
CA PHE A 254 -0.63 0.66 -27.11
C PHE A 254 -0.27 -0.33 -28.22
N ALA A 255 -0.97 -1.46 -28.25
CA ALA A 255 -0.72 -2.54 -29.24
C ALA A 255 -0.89 -2.09 -30.69
N ASP A 256 -1.64 -1.01 -30.93
CA ASP A 256 -1.79 -0.45 -32.28
C ASP A 256 -0.48 0.04 -32.89
N ALA A 257 0.54 0.29 -32.07
CA ALA A 257 1.88 0.61 -32.57
C ALA A 257 2.61 -0.57 -33.24
N GLY A 258 2.09 -1.80 -33.08
CA GLY A 258 2.66 -2.98 -33.73
C GLY A 258 3.66 -3.68 -32.84
N GLU A 259 4.93 -3.68 -33.27
CA GLU A 259 5.98 -4.37 -32.54
C GLU A 259 6.17 -3.79 -31.15
N ILE A 260 6.52 -4.65 -30.20
CA ILE A 260 6.88 -4.24 -28.85
C ILE A 260 8.00 -3.21 -28.93
N GLY A 261 7.85 -2.11 -28.20
CA GLY A 261 8.82 -1.01 -28.20
C GLY A 261 8.50 0.15 -29.12
N ASN A 262 7.61 -0.04 -30.10
CA ASN A 262 7.22 1.05 -30.99
C ASN A 262 6.42 2.13 -30.28
N ILE A 263 6.54 3.35 -30.79
CA ILE A 263 5.83 4.51 -30.26
C ILE A 263 4.33 4.47 -30.53
N ALA A 264 3.53 4.66 -29.47
CA ALA A 264 2.10 4.85 -29.59
C ALA A 264 1.74 6.23 -29.08
N ILE A 265 0.91 6.93 -29.84
CA ILE A 265 0.33 8.21 -29.42
C ILE A 265 -1.14 7.94 -29.33
N TYR A 266 -1.72 8.26 -28.16
CA TYR A 266 -3.05 7.78 -27.81
C TYR A 266 -3.76 8.72 -26.85
N LEU A 267 -5.05 8.46 -26.62
CA LEU A 267 -5.79 9.13 -25.56
C LEU A 267 -5.82 8.20 -24.35
N ASN A 268 -5.34 8.70 -23.22
CA ASN A 268 -5.30 7.88 -22.00
C ASN A 268 -6.69 7.73 -21.40
N SER A 269 -6.80 6.93 -20.35
CA SER A 269 -8.07 6.64 -19.73
C SER A 269 -8.68 7.82 -18.97
N ARG A 270 -7.94 8.93 -18.85
CA ARG A 270 -8.46 10.16 -18.23
C ARG A 270 -8.86 11.19 -19.27
N GLY A 271 -8.72 10.87 -20.56
CA GLY A 271 -9.13 11.73 -21.67
C GLY A 271 -8.06 12.61 -22.29
N TYR A 272 -6.79 12.36 -21.97
CA TYR A 272 -5.69 13.24 -22.37
C TYR A 272 -4.74 12.57 -23.35
N LEU A 273 -4.25 13.39 -24.27
CA LEU A 273 -3.20 12.99 -25.20
C LEU A 273 -1.96 12.51 -24.44
N SER A 274 -1.46 11.35 -24.86
CA SER A 274 -0.38 10.67 -24.19
C SER A 274 0.52 10.00 -25.23
N ILE A 275 1.72 9.66 -24.79
CA ILE A 275 2.66 8.95 -25.64
C ILE A 275 3.37 7.88 -24.81
N ALA A 276 3.63 6.74 -25.46
CA ALA A 276 4.19 5.57 -24.81
C ALA A 276 4.94 4.74 -25.83
N ARG A 277 5.65 3.74 -25.34
CA ARG A 277 6.10 2.63 -26.17
CA ARG A 277 6.11 2.63 -26.17
C ARG A 277 5.21 1.44 -25.88
N ASN A 278 5.02 0.60 -26.89
CA ASN A 278 4.18 -0.56 -26.75
C ASN A 278 4.85 -1.63 -25.90
N ALA A 279 4.34 -1.81 -24.69
CA ALA A 279 4.85 -2.79 -23.73
C ALA A 279 6.35 -2.60 -23.48
N ALA A 280 6.76 -1.34 -23.37
CA ALA A 280 8.09 -0.96 -22.92
C ALA A 280 7.93 0.43 -22.36
N SER A 281 8.87 0.85 -21.52
CA SER A 281 8.80 2.15 -20.91
C SER A 281 9.40 3.24 -21.81
N LEU A 282 8.63 4.31 -22.03
CA LEU A 282 9.14 5.45 -22.80
C LEU A 282 9.96 6.38 -21.91
N ALA A 283 9.38 6.76 -20.78
CA ALA A 283 9.94 7.81 -19.94
C ALA A 283 11.21 7.42 -19.23
N TYR A 284 11.31 6.17 -18.75
CA TYR A 284 12.39 5.83 -17.83
C TYR A 284 13.77 5.77 -18.48
N PRO A 285 13.89 5.10 -19.65
CA PRO A 285 15.21 5.10 -20.31
C PRO A 285 15.74 6.49 -20.68
N TYR A 286 14.86 7.42 -21.05
CA TYR A 286 15.26 8.77 -21.45
C TYR A 286 15.07 9.81 -20.37
N HIS A 287 14.70 9.38 -19.15
CA HIS A 287 14.51 10.30 -18.02
C HIS A 287 13.60 11.49 -18.37
N LEU A 288 12.50 11.20 -19.03
CA LEU A 288 11.49 12.22 -19.32
C LEU A 288 10.77 12.57 -18.02
N LYS A 289 10.30 13.81 -17.93
CA LYS A 289 9.84 14.37 -16.67
C LYS A 289 8.59 15.20 -16.84
N GLU A 290 7.77 15.20 -15.81
CA GLU A 290 6.66 16.15 -15.65
C GLU A 290 7.17 17.58 -15.83
N GLY A 291 6.41 18.41 -16.54
CA GLY A 291 6.77 19.82 -16.72
C GLY A 291 7.53 20.10 -18.00
N MET A 292 8.02 19.07 -18.68
CA MET A 292 8.56 19.22 -20.03
C MET A 292 7.46 19.67 -20.98
N SER A 293 7.82 20.51 -21.95
CA SER A 293 6.87 20.99 -22.94
C SER A 293 6.40 19.84 -23.82
N ALA A 294 5.18 19.96 -24.31
CA ALA A 294 4.60 18.97 -25.21
C ALA A 294 3.84 19.72 -26.30
N ARG A 295 4.30 19.57 -27.54
CA ARG A 295 3.70 20.21 -28.71
C ARG A 295 3.20 19.10 -29.62
N VAL A 296 1.96 19.21 -30.08
CA VAL A 296 1.41 18.25 -31.05
C VAL A 296 0.88 19.00 -32.27
N GLU A 297 1.10 18.40 -33.45
CA GLU A 297 0.61 18.94 -34.72
C GLU A 297 0.37 17.81 -35.70
N ALA A 298 -0.60 18.00 -36.59
CA ALA A 298 -0.86 17.09 -37.70
C ALA A 298 0.09 17.39 -38.87
N ARG B 8 -20.35 -13.02 2.72
CA ARG B 8 -19.14 -12.14 2.91
C ARG B 8 -18.08 -12.41 1.82
N PRO B 9 -18.39 -12.05 0.56
CA PRO B 9 -17.47 -12.37 -0.54
C PRO B 9 -16.14 -11.59 -0.46
N ILE B 10 -15.08 -12.22 -0.96
CA ILE B 10 -13.76 -11.63 -1.01
C ILE B 10 -13.29 -11.61 -2.45
N ILE B 11 -12.73 -10.47 -2.86
CA ILE B 11 -11.96 -10.41 -4.09
C ILE B 11 -10.52 -10.14 -3.66
N ALA B 12 -9.59 -10.98 -4.10
CA ALA B 12 -8.17 -10.74 -3.87
C ALA B 12 -7.57 -10.22 -5.18
N PHE B 13 -6.98 -9.03 -5.15
CA PHE B 13 -6.68 -8.25 -6.34
C PHE B 13 -5.17 -8.08 -6.50
N MET B 14 -4.63 -8.60 -7.60
CA MET B 14 -3.23 -8.47 -7.94
C MET B 14 -3.15 -7.77 -9.29
N SER B 15 -2.46 -6.63 -9.35
CA SER B 15 -2.30 -5.95 -10.63
C SER B 15 -0.89 -5.41 -10.82
N ASP B 16 -0.66 -4.84 -12.00
CA ASP B 16 0.56 -4.08 -12.26
C ASP B 16 0.30 -2.56 -12.25
N LEU B 17 -0.77 -2.12 -11.59
CA LEU B 17 -1.21 -0.72 -11.69
C LEU B 17 -0.47 0.21 -10.74
N GLY B 18 0.28 -0.33 -9.79
CA GLY B 18 1.00 0.49 -8.83
C GLY B 18 0.12 1.08 -7.76
N THR B 19 0.74 1.83 -6.86
CA THR B 19 0.00 2.51 -5.80
C THR B 19 0.37 3.99 -5.73
N THR B 20 0.72 4.57 -6.89
CA THR B 20 1.13 5.96 -6.96
C THR B 20 0.05 6.90 -7.51
N ASP B 21 -1.07 6.34 -7.94
CA ASP B 21 -2.20 7.18 -8.35
C ASP B 21 -3.49 6.47 -7.99
N ASP B 22 -4.60 6.96 -8.53
CA ASP B 22 -5.92 6.45 -8.22
C ASP B 22 -6.39 5.23 -9.04
N SER B 23 -5.50 4.57 -9.79
CA SER B 23 -5.93 3.50 -10.71
C SER B 23 -6.56 2.32 -10.01
N VAL B 24 -5.89 1.81 -8.97
CA VAL B 24 -6.44 0.72 -8.16
C VAL B 24 -7.78 1.14 -7.50
N ALA B 25 -7.83 2.37 -6.99
CA ALA B 25 -9.06 2.87 -6.36
C ALA B 25 -10.24 2.96 -7.31
N GLN B 26 -10.01 3.28 -8.59
CA GLN B 26 -11.08 3.27 -9.58
C GLN B 26 -11.68 1.88 -9.74
N CYS B 27 -10.81 0.88 -9.77
CA CYS B 27 -11.23 -0.53 -9.79
C CYS B 27 -12.02 -0.90 -8.54
N LYS B 28 -11.52 -0.50 -7.37
CA LYS B 28 -12.17 -0.80 -6.11
C LYS B 28 -13.55 -0.14 -5.99
N GLY B 29 -13.65 1.11 -6.43
CA GLY B 29 -14.96 1.82 -6.42
C GLY B 29 -16.00 1.03 -7.21
N LEU B 30 -15.61 0.53 -8.37
CA LEU B 30 -16.51 -0.31 -9.17
C LEU B 30 -16.83 -1.65 -8.51
N MET B 31 -15.84 -2.26 -7.84
CA MET B 31 -16.07 -3.49 -7.11
C MET B 31 -17.13 -3.33 -6.02
N TYR B 32 -17.02 -2.26 -5.23
CA TYR B 32 -18.03 -1.94 -4.20
C TYR B 32 -19.36 -1.50 -4.77
N SER B 33 -19.35 -0.88 -5.95
CA SER B 33 -20.58 -0.53 -6.65
C SER B 33 -21.36 -1.78 -7.03
N ILE B 34 -20.65 -2.78 -7.55
CA ILE B 34 -21.27 -4.01 -8.04
C ILE B 34 -21.64 -4.97 -6.91
N CYS B 35 -20.77 -5.09 -5.91
CA CYS B 35 -20.93 -6.07 -4.82
C CYS B 35 -20.71 -5.31 -3.51
N PRO B 36 -21.76 -4.64 -3.00
CA PRO B 36 -21.59 -3.74 -1.84
C PRO B 36 -20.98 -4.38 -0.58
N ASP B 37 -21.20 -5.69 -0.38
CA ASP B 37 -20.71 -6.41 0.81
C ASP B 37 -19.31 -7.00 0.64
N VAL B 38 -18.67 -6.76 -0.50
CA VAL B 38 -17.38 -7.40 -0.79
C VAL B 38 -16.28 -6.86 0.11
N THR B 39 -15.30 -7.71 0.40
CA THR B 39 -14.03 -7.27 0.97
C THR B 39 -12.98 -7.40 -0.14
N VAL B 40 -12.32 -6.29 -0.46
CA VAL B 40 -11.26 -6.31 -1.46
C VAL B 40 -9.93 -6.40 -0.68
N VAL B 41 -9.16 -7.45 -0.97
CA VAL B 41 -7.88 -7.68 -0.36
C VAL B 41 -6.82 -7.45 -1.42
N ASP B 42 -5.91 -6.52 -1.16
CA ASP B 42 -4.82 -6.29 -2.08
C ASP B 42 -3.82 -7.43 -1.94
N VAL B 43 -3.47 -8.05 -3.06
CA VAL B 43 -2.36 -9.00 -3.09
C VAL B 43 -1.10 -8.17 -3.20
N CYS B 44 -0.93 -7.54 -4.36
CA CYS B 44 0.14 -6.57 -4.57
CA CYS B 44 0.16 -6.64 -4.62
C CYS B 44 -0.12 -5.90 -5.91
N HIS B 45 0.44 -4.70 -6.06
CA HIS B 45 0.25 -3.88 -7.26
C HIS B 45 1.55 -3.37 -7.85
N SER B 46 2.66 -3.94 -7.39
CA SER B 46 3.99 -3.43 -7.68
C SER B 46 4.79 -4.34 -8.61
N MET B 47 4.16 -5.38 -9.19
CA MET B 47 4.86 -6.27 -10.12
C MET B 47 5.45 -5.46 -11.28
N THR B 48 6.57 -5.93 -11.82
CA THR B 48 7.12 -5.36 -13.04
C THR B 48 6.04 -5.43 -14.11
N PRO B 49 5.66 -4.28 -14.68
CA PRO B 49 4.62 -4.33 -15.71
C PRO B 49 4.95 -5.31 -16.84
N TRP B 50 3.95 -6.09 -17.24
CA TRP B 50 4.00 -6.96 -18.41
C TRP B 50 4.83 -8.23 -18.19
N ASP B 51 5.34 -8.45 -16.98
CA ASP B 51 6.15 -9.63 -16.70
C ASP B 51 5.20 -10.70 -16.16
N VAL B 52 4.63 -11.50 -17.07
CA VAL B 52 3.59 -12.47 -16.68
C VAL B 52 4.12 -13.54 -15.74
N GLU B 53 5.39 -13.90 -15.88
CA GLU B 53 6.00 -14.90 -15.02
C GLU B 53 6.10 -14.42 -13.57
N GLU B 54 6.40 -13.14 -13.39
CA GLU B 54 6.47 -12.55 -12.05
C GLU B 54 5.09 -12.47 -11.42
N GLY B 55 4.13 -11.97 -12.18
CA GLY B 55 2.73 -11.93 -11.74
C GLY B 55 2.23 -13.30 -11.30
N ALA B 56 2.59 -14.32 -12.07
CA ALA B 56 2.21 -15.71 -11.77
C ALA B 56 2.71 -16.14 -10.40
N ARG B 57 3.94 -15.77 -10.05
CA ARG B 57 4.49 -16.07 -8.72
C ARG B 57 3.72 -15.47 -7.55
N TYR B 58 3.10 -14.31 -7.77
CA TYR B 58 2.35 -13.64 -6.72
C TYR B 58 0.94 -14.17 -6.53
N ILE B 59 0.49 -15.07 -7.42
CA ILE B 59 -0.89 -15.56 -7.36
C ILE B 59 -1.03 -17.07 -7.21
N VAL B 60 0.01 -17.82 -7.56
CA VAL B 60 -0.06 -19.29 -7.58
C VAL B 60 -0.27 -19.91 -6.19
N ASP B 61 0.27 -19.29 -5.14
CA ASP B 61 0.22 -19.84 -3.78
C ASP B 61 -1.00 -19.41 -2.96
N LEU B 62 -1.86 -18.53 -3.51
CA LEU B 62 -2.91 -17.90 -2.73
C LEU B 62 -4.06 -18.79 -2.22
N PRO B 63 -4.55 -19.77 -3.03
CA PRO B 63 -5.86 -20.33 -2.67
C PRO B 63 -5.99 -20.94 -1.29
N ARG B 64 -4.99 -21.69 -0.85
CA ARG B 64 -5.09 -22.38 0.46
C ARG B 64 -5.23 -21.40 1.65
N PHE B 65 -4.79 -20.15 1.45
CA PHE B 65 -4.88 -19.15 2.50
C PHE B 65 -6.25 -18.48 2.62
N PHE B 66 -7.06 -18.53 1.57
CA PHE B 66 -8.31 -17.75 1.52
C PHE B 66 -9.55 -18.60 1.76
N PRO B 67 -10.63 -17.97 2.27
CA PRO B 67 -11.90 -18.68 2.40
C PRO B 67 -12.43 -19.17 1.07
N GLU B 68 -13.07 -20.33 1.10
CA GLU B 68 -13.68 -20.88 -0.10
C GLU B 68 -14.69 -19.87 -0.65
N GLY B 69 -14.76 -19.77 -1.98
CA GLY B 69 -15.58 -18.79 -2.66
C GLY B 69 -14.85 -17.52 -3.05
N THR B 70 -13.59 -17.37 -2.62
CA THR B 70 -12.80 -16.20 -2.96
C THR B 70 -12.58 -16.12 -4.49
N VAL B 71 -12.67 -14.91 -5.03
CA VAL B 71 -12.36 -14.61 -6.41
C VAL B 71 -11.01 -13.92 -6.47
N PHE B 72 -10.12 -14.42 -7.33
CA PHE B 72 -8.80 -13.84 -7.55
C PHE B 72 -8.84 -13.06 -8.85
N ALA B 73 -8.74 -11.73 -8.73
CA ALA B 73 -8.66 -10.81 -9.88
C ALA B 73 -7.21 -10.46 -10.10
N THR B 74 -6.62 -10.98 -11.18
CA THR B 74 -5.18 -10.99 -11.34
C THR B 74 -4.85 -10.50 -12.73
N THR B 75 -4.09 -9.40 -12.82
CA THR B 75 -3.93 -8.75 -14.13
C THR B 75 -2.67 -7.92 -14.36
N THR B 76 -1.97 -8.26 -15.44
CA THR B 76 -1.15 -7.35 -16.20
C THR B 76 -1.67 -7.47 -17.63
N TYR B 77 -2.00 -6.33 -18.27
CA TYR B 77 -2.80 -6.36 -19.49
C TYR B 77 -2.17 -5.57 -20.66
N PRO B 78 -0.96 -5.96 -21.09
CA PRO B 78 -0.33 -5.27 -22.23
C PRO B 78 -1.10 -5.33 -23.55
N ALA B 79 -2.00 -6.30 -23.71
CA ALA B 79 -2.87 -6.37 -24.89
C ALA B 79 -4.18 -5.62 -24.70
N THR B 80 -4.24 -4.71 -23.71
CA THR B 80 -5.42 -3.88 -23.50
C THR B 80 -5.85 -3.17 -24.79
N GLY B 81 -7.17 -3.14 -25.00
CA GLY B 81 -7.79 -2.45 -26.12
C GLY B 81 -7.80 -3.23 -27.41
N THR B 82 -7.37 -4.48 -27.39
CA THR B 82 -7.41 -5.35 -28.56
C THR B 82 -8.66 -6.23 -28.46
N THR B 83 -8.84 -7.11 -29.46
CA THR B 83 -9.97 -8.03 -29.46
C THR B 83 -9.84 -9.17 -28.43
N THR B 84 -8.70 -9.28 -27.75
CA THR B 84 -8.54 -10.29 -26.69
C THR B 84 -9.60 -10.11 -25.62
N ARG B 85 -9.96 -11.21 -25.00
CA ARG B 85 -10.87 -11.19 -23.87
C ARG B 85 -10.30 -12.02 -22.72
N SER B 86 -10.65 -11.65 -21.51
CA SER B 86 -10.16 -12.33 -20.31
C SER B 86 -10.68 -13.76 -20.24
N VAL B 87 -10.01 -14.56 -19.43
CA VAL B 87 -10.43 -15.92 -19.11
C VAL B 87 -10.82 -15.94 -17.63
N ALA B 88 -11.92 -16.62 -17.33
CA ALA B 88 -12.34 -16.88 -15.97
C ALA B 88 -12.36 -18.40 -15.77
N VAL B 89 -11.66 -18.87 -14.74
CA VAL B 89 -11.52 -20.30 -14.49
C VAL B 89 -11.89 -20.63 -13.06
N ARG B 90 -12.54 -21.77 -12.87
CA ARG B 90 -12.71 -22.34 -11.54
C ARG B 90 -11.63 -23.41 -11.40
N ILE B 91 -10.74 -23.23 -10.42
CA ILE B 91 -9.67 -24.18 -10.20
C ILE B 91 -10.18 -25.45 -9.54
N LYS B 92 -9.38 -26.50 -9.62
CA LYS B 92 -9.76 -27.79 -9.05
C LYS B 92 -9.22 -27.89 -7.63
N GLN B 93 -7.94 -28.18 -7.47
CA GLN B 93 -7.33 -28.39 -6.16
C GLN B 93 -6.84 -27.08 -5.61
N ALA B 94 -7.19 -26.79 -4.37
CA ALA B 94 -6.66 -25.63 -3.69
C ALA B 94 -5.16 -25.78 -3.49
N ALA B 95 -4.72 -27.01 -3.23
CA ALA B 95 -3.30 -27.39 -3.23
C ALA B 95 -2.56 -26.97 -1.96
N LYS B 96 -1.85 -27.93 -1.37
CA LYS B 96 -0.98 -27.68 -0.24
C LYS B 96 0.25 -26.93 -0.74
N GLY B 97 1.00 -26.36 0.20
CA GLY B 97 2.20 -25.61 -0.14
C GLY B 97 3.19 -25.54 1.01
N GLY B 98 4.20 -24.69 0.84
CA GLY B 98 5.23 -24.52 1.85
C GLY B 98 6.47 -25.36 1.61
N ALA B 99 7.45 -25.20 2.49
CA ALA B 99 8.68 -26.02 2.46
C ALA B 99 8.37 -27.52 2.53
N ARG B 100 7.35 -27.90 3.31
CA ARG B 100 6.97 -29.31 3.50
C ARG B 100 5.83 -29.81 2.61
N GLY B 101 4.89 -28.94 2.24
CA GLY B 101 3.68 -29.36 1.51
C GLY B 101 2.56 -29.66 2.50
N GLN B 102 1.89 -28.61 2.97
CA GLN B 102 0.82 -28.75 3.98
C GLN B 102 -0.31 -27.75 3.77
N TRP B 103 -1.41 -27.97 4.50
CA TRP B 103 -2.49 -26.97 4.57
C TRP B 103 -2.07 -25.84 5.48
N ALA B 104 -2.61 -24.65 5.22
CA ALA B 104 -2.31 -23.44 6.01
C ALA B 104 -3.30 -23.30 7.15
N GLY B 105 -2.89 -22.67 8.24
CA GLY B 105 -3.76 -22.38 9.38
C GLY B 105 -3.32 -23.01 10.68
N SER B 106 -4.07 -22.74 11.74
CA SER B 106 -3.83 -23.29 13.06
C SER B 106 -4.18 -24.77 13.09
N GLY B 107 -3.74 -25.45 14.15
CA GLY B 107 -3.96 -26.90 14.26
C GLY B 107 -3.26 -27.61 13.12
N ALA B 108 -3.97 -28.54 12.46
CA ALA B 108 -3.45 -29.24 11.28
C ALA B 108 -3.70 -28.48 9.98
N GLY B 109 -4.23 -27.26 10.05
CA GLY B 109 -4.47 -26.44 8.88
C GLY B 109 -5.93 -26.53 8.42
N PHE B 110 -6.29 -25.69 7.47
CA PHE B 110 -7.62 -25.59 6.92
C PHE B 110 -7.63 -26.30 5.60
N GLU B 111 -8.23 -27.48 5.58
CA GLU B 111 -8.41 -28.20 4.34
C GLU B 111 -9.42 -27.47 3.46
N ARG B 112 -9.10 -27.26 2.19
CA ARG B 112 -10.03 -26.52 1.30
C ARG B 112 -10.67 -27.48 0.31
N ALA B 113 -11.98 -27.35 0.14
CA ALA B 113 -12.73 -28.13 -0.84
C ALA B 113 -12.26 -27.85 -2.25
N GLU B 114 -12.37 -28.86 -3.13
CA GLU B 114 -12.07 -28.66 -4.54
C GLU B 114 -13.08 -27.72 -5.18
N GLY B 115 -12.69 -27.07 -6.27
CA GLY B 115 -13.62 -26.22 -7.04
C GLY B 115 -14.08 -24.96 -6.35
N SER B 116 -13.30 -24.46 -5.39
CA SER B 116 -13.77 -23.43 -4.48
C SER B 116 -13.25 -22.02 -4.78
N TYR B 117 -12.45 -21.86 -5.83
CA TYR B 117 -11.84 -20.56 -6.13
C TYR B 117 -11.93 -20.28 -7.61
N ILE B 118 -12.18 -19.01 -7.94
CA ILE B 118 -12.20 -18.55 -9.32
C ILE B 118 -11.04 -17.59 -9.52
N TYR B 119 -10.32 -17.75 -10.63
CA TYR B 119 -9.36 -16.73 -11.09
C TYR B 119 -9.92 -16.08 -12.35
N ILE B 120 -9.77 -14.77 -12.45
CA ILE B 120 -10.10 -14.04 -13.66
C ILE B 120 -8.92 -13.17 -14.02
N ALA B 121 -8.50 -13.29 -15.29
CA ALA B 121 -7.23 -12.75 -15.76
C ALA B 121 -7.26 -12.50 -17.27
N PRO B 122 -6.37 -11.63 -17.77
CA PRO B 122 -6.10 -11.63 -19.19
C PRO B 122 -5.71 -13.02 -19.65
N ASN B 123 -6.11 -13.38 -20.87
CA ASN B 123 -5.73 -14.68 -21.44
C ASN B 123 -4.37 -14.50 -22.13
N ASN B 124 -3.34 -14.28 -21.33
CA ASN B 124 -1.99 -13.99 -21.82
C ASN B 124 -0.92 -14.85 -21.14
N GLY B 125 -1.33 -15.94 -20.49
CA GLY B 125 -0.41 -16.81 -19.78
C GLY B 125 -0.19 -16.51 -18.32
N LEU B 126 -0.78 -15.44 -17.80
CA LEU B 126 -0.63 -15.11 -16.39
C LEU B 126 -1.04 -16.25 -15.46
N LEU B 127 -2.06 -17.02 -15.85
CA LEU B 127 -2.55 -18.15 -15.07
C LEU B 127 -1.81 -19.48 -15.32
N THR B 128 -0.70 -19.48 -16.06
CA THR B 128 0.02 -20.72 -16.41
C THR B 128 0.29 -21.61 -15.18
N THR B 129 0.95 -21.05 -14.17
CA THR B 129 1.33 -21.86 -13.00
C THR B 129 0.12 -22.16 -12.11
N VAL B 130 -0.87 -21.27 -12.07
CA VAL B 130 -2.12 -21.55 -11.38
C VAL B 130 -2.76 -22.83 -11.93
N LEU B 131 -2.84 -22.94 -13.25
CA LEU B 131 -3.47 -24.09 -13.88
C LEU B 131 -2.62 -25.35 -13.72
N GLU B 132 -1.30 -25.23 -13.83
CA GLU B 132 -0.38 -26.35 -13.58
C GLU B 132 -0.52 -26.94 -12.19
N GLU B 133 -0.52 -26.07 -11.19
CA GLU B 133 -0.47 -26.51 -9.80
C GLU B 133 -1.82 -26.84 -9.21
N HIS B 134 -2.88 -26.21 -9.71
CA HIS B 134 -4.22 -26.41 -9.16
C HIS B 134 -5.15 -27.17 -10.08
N GLY B 135 -4.86 -27.23 -11.38
CA GLY B 135 -5.82 -27.76 -12.36
C GLY B 135 -7.04 -26.85 -12.45
N TYR B 136 -7.99 -27.22 -13.30
CA TYR B 136 -9.25 -26.49 -13.36
C TYR B 136 -10.42 -27.38 -13.79
N LEU B 137 -11.61 -26.94 -13.41
CA LEU B 137 -12.86 -27.65 -13.70
C LEU B 137 -13.60 -27.06 -14.88
N GLU B 138 -13.47 -25.75 -15.07
CA GLU B 138 -14.14 -25.06 -16.16
C GLU B 138 -13.46 -23.71 -16.41
N ALA B 139 -13.50 -23.27 -17.66
CA ALA B 139 -12.85 -22.04 -18.11
C ALA B 139 -13.72 -21.39 -19.17
N TYR B 140 -13.94 -20.08 -19.05
CA TYR B 140 -14.79 -19.34 -19.98
C TYR B 140 -14.13 -18.05 -20.42
N GLU B 141 -14.46 -17.66 -21.65
CA GLU B 141 -14.07 -16.38 -22.18
C GLU B 141 -15.02 -15.36 -21.59
N VAL B 142 -14.50 -14.21 -21.18
CA VAL B 142 -15.31 -13.18 -20.53
C VAL B 142 -15.76 -12.16 -21.57
N THR B 143 -17.00 -12.31 -22.05
CA THR B 143 -17.55 -11.46 -23.12
C THR B 143 -18.91 -10.82 -22.86
N SER B 144 -19.68 -11.32 -21.89
CA SER B 144 -21.04 -10.85 -21.69
C SER B 144 -21.06 -9.40 -21.22
N PRO B 145 -21.86 -8.56 -21.89
CA PRO B 145 -22.03 -7.17 -21.41
C PRO B 145 -22.75 -7.04 -20.06
N LYS B 146 -23.22 -8.14 -19.50
CA LYS B 146 -23.67 -8.16 -18.12
C LYS B 146 -22.52 -8.06 -17.12
N VAL B 147 -21.31 -8.42 -17.54
CA VAL B 147 -20.14 -8.39 -16.65
C VAL B 147 -18.94 -7.56 -17.12
N ILE B 148 -18.92 -7.12 -18.38
CA ILE B 148 -17.93 -6.16 -18.86
C ILE B 148 -18.64 -4.96 -19.52
N PRO B 149 -17.93 -3.83 -19.66
CA PRO B 149 -18.53 -2.70 -20.36
C PRO B 149 -18.82 -3.02 -21.83
N GLU B 150 -19.93 -2.49 -22.32
CA GLU B 150 -20.23 -2.53 -23.76
C GLU B 150 -19.20 -1.74 -24.56
N GLN B 151 -18.70 -0.65 -23.98
CA GLN B 151 -17.69 0.20 -24.60
C GLN B 151 -16.47 0.30 -23.67
N PRO B 152 -15.63 -0.75 -23.64
CA PRO B 152 -14.51 -0.75 -22.69
C PRO B 152 -13.45 0.31 -22.99
N GLU B 153 -12.96 0.96 -21.94
CA GLU B 153 -11.84 1.89 -22.05
C GLU B 153 -10.65 1.18 -22.71
N PRO B 154 -10.19 1.67 -23.88
CA PRO B 154 -9.14 0.92 -24.59
C PRO B 154 -7.86 0.65 -23.80
N THR B 155 -7.40 1.62 -23.02
CA THR B 155 -6.13 1.47 -22.29
C THR B 155 -6.31 1.01 -20.85
N PHE B 156 -7.49 0.49 -20.48
CA PHE B 156 -7.70 0.07 -19.09
C PHE B 156 -8.44 -1.25 -18.93
N TYR B 157 -8.06 -2.26 -19.71
CA TYR B 157 -8.69 -3.58 -19.59
C TYR B 157 -8.50 -4.24 -18.23
N SER B 158 -7.47 -3.89 -17.46
CA SER B 158 -7.37 -4.42 -16.09
C SER B 158 -8.58 -4.07 -15.26
N ARG B 159 -9.15 -2.89 -15.50
CA ARG B 159 -10.39 -2.47 -14.85
C ARG B 159 -11.60 -3.09 -15.56
N GLU B 160 -11.66 -2.95 -16.90
CA GLU B 160 -12.86 -3.29 -17.67
C GLU B 160 -13.11 -4.79 -17.75
N MET B 161 -12.04 -5.56 -17.92
CA MET B 161 -12.09 -6.98 -18.22
C MET B 161 -11.59 -7.87 -17.09
N VAL B 162 -11.24 -7.28 -15.96
CA VAL B 162 -10.83 -8.07 -14.80
C VAL B 162 -11.55 -7.57 -13.55
N ALA B 163 -11.31 -6.31 -13.15
CA ALA B 163 -11.90 -5.81 -11.91
C ALA B 163 -13.42 -5.86 -11.92
N ILE B 164 -14.02 -5.30 -12.96
CA ILE B 164 -15.49 -5.25 -13.08
C ILE B 164 -16.11 -6.67 -13.06
N PRO B 165 -15.66 -7.57 -13.97
CA PRO B 165 -16.30 -8.88 -13.97
C PRO B 165 -15.98 -9.68 -12.71
N SER B 166 -14.84 -9.46 -12.07
CA SER B 166 -14.55 -10.13 -10.79
C SER B 166 -15.60 -9.80 -9.73
N ALA B 167 -16.07 -8.56 -9.71
CA ALA B 167 -17.06 -8.11 -8.74
C ALA B 167 -18.43 -8.74 -9.01
N HIS B 168 -18.78 -8.88 -10.28
CA HIS B 168 -19.99 -9.64 -10.65
C HIS B 168 -19.91 -11.10 -10.17
N LEU B 169 -18.77 -11.74 -10.39
CA LEU B 169 -18.55 -13.10 -9.94
C LEU B 169 -18.61 -13.20 -8.43
N ALA B 170 -18.00 -12.24 -7.73
CA ALA B 170 -18.10 -12.20 -6.26
C ALA B 170 -19.55 -12.03 -5.79
N ALA B 171 -20.32 -11.25 -6.54
CA ALA B 171 -21.75 -11.02 -6.25
C ALA B 171 -22.66 -12.22 -6.58
N GLY B 172 -22.12 -13.28 -7.17
CA GLY B 172 -22.89 -14.48 -7.47
C GLY B 172 -23.33 -14.64 -8.91
N PHE B 173 -22.83 -13.78 -9.81
CA PHE B 173 -23.11 -13.97 -11.23
C PHE B 173 -22.59 -15.33 -11.65
N PRO B 174 -23.42 -16.15 -12.33
CA PRO B 174 -22.97 -17.51 -12.66
C PRO B 174 -21.74 -17.50 -13.58
N LEU B 175 -20.71 -18.24 -13.17
CA LEU B 175 -19.46 -18.28 -13.92
C LEU B 175 -19.70 -18.71 -15.36
N SER B 176 -20.57 -19.69 -15.58
CA SER B 176 -20.75 -20.22 -16.94
C SER B 176 -21.49 -19.26 -17.90
N GLU B 177 -22.07 -18.17 -17.35
CA GLU B 177 -22.74 -17.15 -18.16
C GLU B 177 -21.85 -15.96 -18.59
N VAL B 178 -20.56 -15.96 -18.22
CA VAL B 178 -19.68 -14.84 -18.62
C VAL B 178 -19.33 -14.86 -20.12
N GLY B 179 -19.41 -16.04 -20.73
CA GLY B 179 -19.20 -16.19 -22.16
C GLY B 179 -18.98 -17.64 -22.48
N ARG B 180 -18.52 -17.94 -23.68
CA ARG B 180 -18.41 -19.32 -24.14
C ARG B 180 -17.31 -20.09 -23.40
N PRO B 181 -17.47 -21.41 -23.28
CA PRO B 181 -16.38 -22.21 -22.72
C PRO B 181 -15.14 -22.21 -23.61
N LEU B 182 -13.97 -22.22 -22.99
CA LEU B 182 -12.71 -22.26 -23.69
C LEU B 182 -12.17 -23.67 -23.66
N GLU B 183 -11.67 -24.14 -24.79
CA GLU B 183 -10.92 -25.39 -24.83
C GLU B 183 -9.54 -25.15 -24.25
N ASP B 184 -8.90 -26.21 -23.79
CA ASP B 184 -7.62 -26.10 -23.10
C ASP B 184 -6.56 -25.39 -23.94
N HIS B 185 -6.52 -25.70 -25.24
CA HIS B 185 -5.53 -25.11 -26.13
C HIS B 185 -5.73 -23.60 -26.39
N GLU B 186 -6.92 -23.08 -26.07
CA GLU B 186 -7.20 -21.66 -26.24
C GLU B 186 -6.78 -20.84 -25.03
N ILE B 187 -6.33 -21.51 -23.96
CA ILE B 187 -5.84 -20.81 -22.77
C ILE B 187 -4.34 -20.68 -22.94
N VAL B 188 -3.88 -19.44 -23.11
CA VAL B 188 -2.48 -19.16 -23.41
C VAL B 188 -1.62 -19.55 -22.22
N ARG B 189 -0.46 -20.13 -22.52
CA ARG B 189 0.53 -20.53 -21.51
C ARG B 189 1.87 -19.92 -21.85
N PHE B 190 2.63 -19.55 -20.82
CA PHE B 190 4.06 -19.29 -21.02
C PHE B 190 4.83 -20.58 -20.76
N ASN B 191 6.01 -20.67 -21.37
CA ASN B 191 6.90 -21.80 -21.16
C ASN B 191 7.66 -21.64 -19.86
N ARG B 192 7.59 -22.63 -18.98
CA ARG B 192 8.38 -22.61 -17.74
C ARG B 192 9.70 -23.27 -18.05
N PRO B 193 10.81 -22.50 -18.03
CA PRO B 193 12.11 -23.15 -18.27
C PRO B 193 12.40 -24.17 -17.17
N ALA B 194 12.85 -25.34 -17.57
CA ALA B 194 13.05 -26.44 -16.64
C ALA B 194 14.34 -26.28 -15.86
N VAL B 195 14.37 -26.91 -14.70
CA VAL B 195 15.59 -27.09 -13.93
C VAL B 195 16.33 -28.27 -14.57
N GLU B 196 17.58 -28.07 -14.97
CA GLU B 196 18.39 -29.11 -15.63
C GLU B 196 19.23 -29.86 -14.61
N GLN B 197 19.38 -31.17 -14.82
CA GLN B 197 20.46 -31.92 -14.17
C GLN B 197 21.69 -31.84 -15.08
N ASP B 198 22.83 -31.57 -14.47
CA ASP B 198 24.08 -31.36 -15.21
C ASP B 198 25.19 -32.13 -14.48
N GLY B 199 25.23 -33.43 -14.74
CA GLY B 199 25.99 -34.36 -13.92
C GLY B 199 25.23 -34.52 -12.62
N GLU B 200 25.90 -34.29 -11.51
CA GLU B 200 25.30 -34.34 -10.17
C GLU B 200 24.55 -33.05 -9.78
N ALA B 201 24.94 -31.93 -10.39
CA ALA B 201 24.41 -30.60 -10.05
C ALA B 201 23.02 -30.33 -10.64
N LEU B 202 22.24 -29.49 -9.95
CA LEU B 202 20.98 -28.95 -10.48
C LEU B 202 21.24 -27.52 -10.92
N VAL B 203 20.75 -27.18 -12.10
CA VAL B 203 21.04 -25.90 -12.73
C VAL B 203 19.72 -25.18 -13.04
N GLY B 204 19.52 -24.06 -12.36
CA GLY B 204 18.33 -23.27 -12.48
C GLY B 204 18.70 -21.80 -12.50
N VAL B 205 17.80 -20.98 -11.98
CA VAL B 205 17.92 -19.55 -12.03
CA VAL B 205 17.91 -19.54 -12.06
C VAL B 205 17.43 -18.96 -10.72
N VAL B 206 17.85 -17.74 -10.43
CA VAL B 206 17.27 -16.94 -9.36
C VAL B 206 15.91 -16.49 -9.92
N SER B 207 14.84 -16.95 -9.29
CA SER B 207 13.48 -16.59 -9.70
C SER B 207 13.07 -15.22 -9.15
N ALA B 208 13.61 -14.85 -7.99
CA ALA B 208 13.28 -13.56 -7.37
C ALA B 208 14.30 -13.15 -6.33
N ILE B 209 14.51 -11.83 -6.20
CA ILE B 209 15.09 -11.27 -5.01
C ILE B 209 13.92 -11.01 -4.07
N ASP B 210 14.02 -11.60 -2.89
CA ASP B 210 12.92 -11.59 -1.94
C ASP B 210 12.96 -10.29 -1.12
N HIS B 211 12.27 -9.27 -1.62
CA HIS B 211 12.22 -7.99 -0.94
C HIS B 211 11.25 -8.10 0.24
N PRO B 212 11.49 -7.40 1.35
CA PRO B 212 12.53 -6.39 1.56
C PRO B 212 13.81 -6.92 2.19
N PHE B 213 13.98 -8.24 2.23
CA PHE B 213 15.04 -8.86 3.02
C PHE B 213 16.31 -9.03 2.21
N GLY B 214 16.17 -9.11 0.89
CA GLY B 214 17.28 -9.44 0.02
C GLY B 214 17.70 -10.89 0.13
N ASN B 215 16.75 -11.77 0.42
CA ASN B 215 17.00 -13.21 0.26
C ASN B 215 16.95 -13.52 -1.23
N VAL B 216 17.54 -14.65 -1.61
CA VAL B 216 17.62 -15.05 -2.98
C VAL B 216 16.80 -16.32 -3.16
N TRP B 217 15.79 -16.25 -4.00
CA TRP B 217 14.90 -17.38 -4.28
C TRP B 217 15.25 -17.96 -5.63
N THR B 218 15.34 -19.28 -5.71
CA THR B 218 15.63 -19.95 -6.98
C THR B 218 14.39 -20.69 -7.45
N ASN B 219 14.43 -21.14 -8.70
CA ASN B 219 13.38 -22.02 -9.25
C ASN B 219 13.63 -23.52 -9.00
N ILE B 220 14.57 -23.86 -8.12
CA ILE B 220 14.89 -25.24 -7.82
C ILE B 220 13.98 -25.65 -6.65
N HIS B 221 13.04 -26.54 -6.96
CA HIS B 221 11.98 -26.91 -6.04
C HIS B 221 12.44 -28.02 -5.10
N ARG B 222 11.75 -28.17 -3.96
CA ARG B 222 11.96 -29.32 -3.08
C ARG B 222 12.01 -30.65 -3.83
N THR B 223 11.07 -30.82 -4.76
CA THR B 223 10.98 -32.06 -5.56
C THR B 223 12.21 -32.29 -6.43
N ASP B 224 12.81 -31.22 -6.96
CA ASP B 224 14.10 -31.32 -7.68
C ASP B 224 15.21 -31.76 -6.74
N LEU B 225 15.23 -31.23 -5.52
CA LEU B 225 16.23 -31.63 -4.53
C LEU B 225 16.05 -33.10 -4.13
N GLU B 226 14.82 -33.49 -3.86
CA GLU B 226 14.49 -34.89 -3.49
C GLU B 226 14.92 -35.87 -4.58
N LYS B 227 14.63 -35.53 -5.85
CA LYS B 227 15.07 -36.28 -7.04
C LYS B 227 16.62 -36.51 -7.09
N ALA B 228 17.42 -35.55 -6.58
CA ALA B 228 18.88 -35.71 -6.48
C ALA B 228 19.40 -36.24 -5.11
N GLY B 229 18.49 -36.69 -4.24
CA GLY B 229 18.86 -37.15 -2.91
C GLY B 229 19.33 -36.11 -1.90
N ILE B 230 19.06 -34.83 -2.19
CA ILE B 230 19.46 -33.74 -1.30
C ILE B 230 18.35 -33.53 -0.27
N GLY B 231 18.70 -33.69 1.00
CA GLY B 231 17.79 -33.42 2.11
C GLY B 231 18.44 -32.50 3.12
N TYR B 232 17.69 -32.13 4.14
CA TYR B 232 18.20 -31.26 5.21
C TYR B 232 19.46 -31.87 5.82
N GLY B 233 20.47 -31.03 6.03
CA GLY B 233 21.77 -31.47 6.54
C GLY B 233 22.86 -31.64 5.48
N ALA B 234 22.47 -31.80 4.22
CA ALA B 234 23.45 -31.97 3.13
C ALA B 234 24.28 -30.70 2.93
N ARG B 235 25.61 -30.86 2.90
CA ARG B 235 26.52 -29.74 2.60
C ARG B 235 26.41 -29.39 1.12
N LEU B 236 25.98 -28.16 0.83
CA LEU B 236 25.75 -27.75 -0.54
C LEU B 236 26.72 -26.65 -0.95
N ARG B 237 27.04 -26.65 -2.24
CA ARG B 237 27.73 -25.57 -2.90
C ARG B 237 26.71 -24.99 -3.87
N LEU B 238 26.34 -23.74 -3.63
CA LEU B 238 25.35 -23.06 -4.44
C LEU B 238 26.05 -21.91 -5.11
N THR B 239 26.17 -21.94 -6.44
CA THR B 239 26.86 -20.91 -7.21
C THR B 239 25.88 -20.00 -7.94
N LEU B 240 26.04 -18.68 -7.76
CA LEU B 240 25.17 -17.69 -8.39
C LEU B 240 25.88 -16.90 -9.45
N ASP B 241 25.17 -16.64 -10.56
CA ASP B 241 25.67 -15.83 -11.68
C ASP B 241 26.91 -16.40 -12.37
N GLY B 242 27.12 -17.71 -12.24
CA GLY B 242 28.34 -18.35 -12.73
C GLY B 242 29.63 -18.12 -11.93
N VAL B 243 29.63 -17.17 -10.98
CA VAL B 243 30.85 -16.61 -10.37
C VAL B 243 30.89 -16.70 -8.83
N LEU B 244 29.81 -16.27 -8.17
CA LEU B 244 29.77 -16.25 -6.70
C LEU B 244 29.37 -17.57 -6.09
N PRO B 245 30.32 -18.31 -5.48
CA PRO B 245 29.94 -19.57 -4.85
C PRO B 245 29.61 -19.29 -3.38
N PHE B 246 28.65 -20.03 -2.84
CA PHE B 246 28.41 -20.14 -1.41
C PHE B 246 28.37 -21.59 -0.96
N GLU B 247 28.69 -21.81 0.31
CA GLU B 247 28.67 -23.16 0.87
C GLU B 247 28.02 -23.15 2.23
N ALA B 248 27.05 -24.03 2.41
CA ALA B 248 26.38 -24.22 3.69
C ALA B 248 25.56 -25.50 3.64
N PRO B 249 25.22 -26.04 4.81
CA PRO B 249 24.27 -27.15 4.81
C PRO B 249 22.85 -26.65 4.54
N LEU B 250 22.01 -27.51 3.97
CA LEU B 250 20.60 -27.18 3.82
C LEU B 250 19.92 -27.24 5.17
N THR B 251 19.31 -26.12 5.59
CA THR B 251 18.65 -26.03 6.89
C THR B 251 17.20 -25.54 6.73
N PRO B 252 16.34 -25.81 7.73
CA PRO B 252 14.97 -25.30 7.66
C PRO B 252 14.84 -23.76 7.70
N THR B 253 15.72 -23.07 8.41
CA THR B 253 15.54 -21.64 8.62
C THR B 253 16.83 -20.84 8.74
N PHE B 254 16.67 -19.53 8.90
CA PHE B 254 17.77 -18.57 8.82
C PHE B 254 18.70 -18.70 10.02
N ALA B 255 18.11 -18.75 11.22
CA ALA B 255 18.86 -18.82 12.48
C ALA B 255 19.75 -20.07 12.60
N ASP B 256 19.47 -21.11 11.82
CA ASP B 256 20.33 -22.31 11.78
C ASP B 256 21.75 -22.03 11.29
N ALA B 257 21.95 -20.92 10.56
CA ALA B 257 23.30 -20.50 10.16
C ALA B 257 24.18 -20.02 11.33
N GLY B 258 23.59 -19.81 12.50
CA GLY B 258 24.33 -19.41 13.70
C GLY B 258 24.40 -17.90 13.85
N GLU B 259 25.61 -17.36 13.75
CA GLU B 259 25.82 -15.93 13.92
C GLU B 259 25.06 -15.12 12.87
N ILE B 260 24.61 -13.94 13.28
CA ILE B 260 24.02 -12.96 12.37
C ILE B 260 25.00 -12.68 11.22
N GLY B 261 24.49 -12.70 9.99
CA GLY B 261 25.28 -12.50 8.80
C GLY B 261 25.77 -13.75 8.10
N ASN B 262 25.76 -14.90 8.80
CA ASN B 262 26.18 -16.16 8.17
C ASN B 262 25.19 -16.64 7.11
N ILE B 263 25.72 -17.38 6.14
CA ILE B 263 24.94 -17.90 5.02
C ILE B 263 24.02 -19.04 5.46
N ALA B 264 22.74 -18.94 5.07
CA ALA B 264 21.79 -20.02 5.22
C ALA B 264 21.31 -20.42 3.84
N ILE B 265 21.29 -21.72 3.58
CA ILE B 265 20.71 -22.31 2.38
C ILE B 265 19.52 -23.12 2.91
N TYR B 266 18.34 -22.85 2.36
CA TYR B 266 17.11 -23.32 2.94
C TYR B 266 16.02 -23.51 1.90
N LEU B 267 14.90 -24.09 2.34
CA LEU B 267 13.70 -24.14 1.52
C LEU B 267 12.77 -23.02 1.98
N ASN B 268 12.39 -22.15 1.06
CA ASN B 268 11.52 -21.01 1.41
C ASN B 268 10.08 -21.46 1.63
N SER B 269 9.24 -20.51 2.05
CA SER B 269 7.86 -20.81 2.37
C SER B 269 7.00 -21.17 1.16
N ARG B 270 7.54 -21.06 -0.05
CA ARG B 270 6.85 -21.44 -1.28
C ARG B 270 7.33 -22.79 -1.82
N GLY B 271 8.30 -23.40 -1.13
CA GLY B 271 8.83 -24.73 -1.47
C GLY B 271 10.11 -24.78 -2.30
N TYR B 272 10.78 -23.65 -2.44
CA TYR B 272 11.94 -23.53 -3.33
C TYR B 272 13.24 -23.30 -2.58
N LEU B 273 14.30 -23.89 -3.13
CA LEU B 273 15.64 -23.66 -2.68
C LEU B 273 15.99 -22.17 -2.74
N SER B 274 16.56 -21.69 -1.63
CA SER B 274 16.83 -20.28 -1.43
C SER B 274 18.12 -20.11 -0.66
N ILE B 275 18.68 -18.90 -0.73
CA ILE B 275 19.88 -18.58 0.01
C ILE B 275 19.75 -17.17 0.58
N ALA B 276 20.30 -16.99 1.78
CA ALA B 276 20.18 -15.77 2.55
C ALA B 276 21.34 -15.64 3.48
N ARG B 277 21.45 -14.47 4.09
CA ARG B 277 22.25 -14.30 5.30
C ARG B 277 21.29 -14.26 6.48
N ASN B 278 21.76 -14.71 7.63
CA ASN B 278 20.95 -14.73 8.84
C ASN B 278 20.79 -13.33 9.39
N ALA B 279 19.58 -12.79 9.23
CA ALA B 279 19.23 -11.46 9.72
C ALA B 279 20.17 -10.39 9.16
N ALA B 280 20.50 -10.52 7.89
CA ALA B 280 21.19 -9.51 7.13
C ALA B 280 20.83 -9.75 5.68
N SER B 281 21.01 -8.75 4.82
CA SER B 281 20.68 -8.91 3.41
C SER B 281 21.80 -9.55 2.63
N LEU B 282 21.47 -10.59 1.88
CA LEU B 282 22.42 -11.18 0.97
C LEU B 282 22.49 -10.43 -0.36
N ALA B 283 21.33 -10.23 -0.97
CA ALA B 283 21.26 -9.72 -2.34
C ALA B 283 21.74 -8.28 -2.49
N TYR B 284 21.40 -7.43 -1.53
CA TYR B 284 21.57 -6.00 -1.76
C TYR B 284 23.04 -5.56 -1.80
N PRO B 285 23.87 -6.01 -0.84
CA PRO B 285 25.30 -5.62 -0.87
C PRO B 285 26.05 -6.10 -2.13
N TYR B 286 25.69 -7.27 -2.65
CA TYR B 286 26.33 -7.82 -3.85
C TYR B 286 25.50 -7.59 -5.12
N HIS B 287 24.41 -6.85 -5.05
CA HIS B 287 23.59 -6.52 -6.24
C HIS B 287 23.19 -7.75 -7.04
N LEU B 288 22.78 -8.79 -6.32
CA LEU B 288 22.27 -9.99 -6.96
C LEU B 288 20.89 -9.71 -7.54
N LYS B 289 20.56 -10.40 -8.63
CA LYS B 289 19.38 -10.08 -9.45
C LYS B 289 18.65 -11.32 -9.90
N GLU B 290 17.34 -11.17 -10.07
CA GLU B 290 16.51 -12.15 -10.75
C GLU B 290 17.08 -12.47 -12.12
N GLY B 291 17.06 -13.74 -12.50
CA GLY B 291 17.55 -14.17 -13.81
C GLY B 291 18.99 -14.63 -13.84
N MET B 292 19.75 -14.34 -12.78
CA MET B 292 21.08 -14.93 -12.62
C MET B 292 20.98 -16.44 -12.48
N SER B 293 21.97 -17.15 -13.02
CA SER B 293 22.01 -18.59 -12.92
C SER B 293 22.19 -19.03 -11.45
N ALA B 294 21.69 -20.20 -11.13
CA ALA B 294 21.81 -20.79 -9.81
C ALA B 294 22.08 -22.26 -10.02
N ARG B 295 23.26 -22.71 -9.57
CA ARG B 295 23.69 -24.09 -9.65
C ARG B 295 23.86 -24.60 -8.23
N VAL B 296 23.30 -25.77 -7.92
CA VAL B 296 23.48 -26.38 -6.62
C VAL B 296 24.02 -27.79 -6.80
N GLU B 297 24.93 -28.18 -5.91
CA GLU B 297 25.48 -29.53 -5.89
C GLU B 297 25.91 -29.90 -4.49
N ALA B 298 25.82 -31.19 -4.17
CA ALA B 298 26.31 -31.74 -2.92
C ALA B 298 27.82 -31.96 -3.02
N ARG C 8 -17.94 -6.30 15.24
CA ARG C 8 -17.07 -5.78 14.11
C ARG C 8 -15.58 -5.70 14.52
N PRO C 9 -14.92 -6.87 14.69
CA PRO C 9 -13.56 -6.87 15.23
C PRO C 9 -12.57 -6.28 14.24
N ILE C 10 -11.51 -5.65 14.76
CA ILE C 10 -10.45 -5.07 13.96
C ILE C 10 -9.12 -5.70 14.35
N ILE C 11 -8.33 -6.05 13.34
CA ILE C 11 -6.93 -6.38 13.54
C ILE C 11 -6.14 -5.29 12.83
N ALA C 12 -5.25 -4.63 13.55
CA ALA C 12 -4.36 -3.66 12.94
C ALA C 12 -2.99 -4.35 12.81
N PHE C 13 -2.48 -4.42 11.59
CA PHE C 13 -1.38 -5.31 11.22
C PHE C 13 -0.14 -4.51 10.79
N MET C 14 0.96 -4.68 11.54
CA MET C 14 2.22 -4.03 11.25
C MET C 14 3.26 -5.14 11.06
N SER C 15 3.92 -5.16 9.91
CA SER C 15 4.94 -6.17 9.68
C SER C 15 6.14 -5.61 8.93
N ASP C 16 7.15 -6.46 8.77
CA ASP C 16 8.29 -6.16 7.91
C ASP C 16 8.22 -6.92 6.59
N LEU C 17 7.03 -7.34 6.18
CA LEU C 17 6.89 -8.24 5.03
C LEU C 17 6.85 -7.51 3.70
N GLY C 18 6.73 -6.19 3.70
CA GLY C 18 6.69 -5.41 2.47
C GLY C 18 5.38 -5.51 1.73
N THR C 19 5.29 -4.81 0.61
CA THR C 19 4.09 -4.84 -0.22
C THR C 19 4.46 -5.14 -1.67
N THR C 20 5.53 -5.90 -1.86
CA THR C 20 6.03 -6.23 -3.21
C THR C 20 5.66 -7.65 -3.64
N ASP C 21 5.06 -8.43 -2.76
CA ASP C 21 4.57 -9.75 -3.16
C ASP C 21 3.31 -10.08 -2.36
N ASP C 22 2.90 -11.34 -2.38
CA ASP C 22 1.67 -11.78 -1.73
C ASP C 22 1.79 -12.13 -0.25
N SER C 23 2.89 -11.81 0.42
CA SER C 23 3.10 -12.29 1.81
C SER C 23 2.07 -11.77 2.80
N VAL C 24 1.81 -10.47 2.76
CA VAL C 24 0.77 -9.86 3.60
C VAL C 24 -0.60 -10.43 3.27
N ALA C 25 -0.89 -10.60 1.99
CA ALA C 25 -2.16 -11.19 1.55
C ALA C 25 -2.37 -12.61 2.05
N GLN C 26 -1.32 -13.42 2.14
CA GLN C 26 -1.46 -14.77 2.71
C GLN C 26 -1.92 -14.71 4.16
N CYS C 27 -1.33 -13.79 4.92
CA CYS C 27 -1.72 -13.52 6.30
C CYS C 27 -3.18 -13.08 6.38
N LYS C 28 -3.55 -12.12 5.53
CA LYS C 28 -4.93 -11.62 5.49
C LYS C 28 -5.96 -12.68 5.15
N GLY C 29 -5.65 -13.53 4.17
CA GLY C 29 -6.54 -14.64 3.82
C GLY C 29 -6.85 -15.49 5.04
N LEU C 30 -5.81 -15.81 5.81
CA LEU C 30 -6.00 -16.60 7.03
C LEU C 30 -6.78 -15.88 8.10
N MET C 31 -6.57 -14.56 8.21
CA MET C 31 -7.34 -13.75 9.13
C MET C 31 -8.85 -13.78 8.82
N TYR C 32 -9.20 -13.61 7.55
CA TYR C 32 -10.60 -13.70 7.11
C TYR C 32 -11.16 -15.13 7.17
N SER C 33 -10.30 -16.13 7.03
CA SER C 33 -10.69 -17.53 7.21
C SER C 33 -11.13 -17.79 8.65
N ILE C 34 -10.35 -17.27 9.60
CA ILE C 34 -10.57 -17.52 11.01
C ILE C 34 -11.68 -16.64 11.57
N CYS C 35 -11.72 -15.38 11.14
CA CYS C 35 -12.65 -14.38 11.69
C CYS C 35 -13.29 -13.69 10.49
N PRO C 36 -14.34 -14.31 9.92
CA PRO C 36 -14.92 -13.79 8.68
C PRO C 36 -15.37 -12.33 8.70
N ASP C 37 -15.78 -11.83 9.87
CA ASP C 37 -16.31 -10.45 10.01
C ASP C 37 -15.23 -9.42 10.31
N VAL C 38 -13.96 -9.84 10.36
CA VAL C 38 -12.89 -8.94 10.77
C VAL C 38 -12.65 -7.84 9.73
N THR C 39 -12.20 -6.68 10.20
CA THR C 39 -11.60 -5.67 9.35
C THR C 39 -10.10 -5.67 9.62
N VAL C 40 -9.31 -5.88 8.58
CA VAL C 40 -7.85 -5.83 8.73
C VAL C 40 -7.39 -4.45 8.27
N VAL C 41 -6.72 -3.73 9.15
CA VAL C 41 -6.22 -2.39 8.88
C VAL C 41 -4.72 -2.50 8.81
N ASP C 42 -4.15 -2.10 7.68
CA ASP C 42 -2.70 -2.08 7.55
C ASP C 42 -2.17 -0.90 8.35
N VAL C 43 -1.21 -1.16 9.23
CA VAL C 43 -0.45 -0.11 9.88
C VAL C 43 0.62 0.31 8.88
N CYS C 44 1.60 -0.56 8.69
CA CYS C 44 2.61 -0.38 7.65
CA CYS C 44 2.72 -0.33 7.80
C CYS C 44 3.39 -1.69 7.56
N HIS C 45 3.98 -1.91 6.40
CA HIS C 45 4.71 -3.14 6.11
C HIS C 45 6.12 -2.90 5.60
N SER C 46 6.59 -1.65 5.71
CA SER C 46 7.80 -1.19 5.04
C SER C 46 8.92 -0.90 6.02
N MET C 47 8.76 -1.27 7.30
CA MET C 47 9.85 -1.10 8.27
C MET C 47 11.12 -1.80 7.81
N THR C 48 12.27 -1.26 8.20
CA THR C 48 13.54 -1.92 7.99
C THR C 48 13.49 -3.29 8.65
N PRO C 49 13.72 -4.37 7.88
CA PRO C 49 13.61 -5.68 8.49
C PRO C 49 14.51 -5.84 9.70
N TRP C 50 13.97 -6.44 10.76
CA TRP C 50 14.71 -6.83 11.96
C TRP C 50 15.07 -5.64 12.88
N ASP C 51 14.59 -4.44 12.57
CA ASP C 51 14.91 -3.27 13.37
C ASP C 51 13.75 -3.10 14.35
N VAL C 52 13.87 -3.74 15.50
CA VAL C 52 12.78 -3.77 16.48
C VAL C 52 12.45 -2.39 17.03
N GLU C 53 13.45 -1.53 17.15
CA GLU C 53 13.23 -0.16 17.63
C GLU C 53 12.38 0.66 16.66
N GLU C 54 12.59 0.48 15.36
CA GLU C 54 11.80 1.16 14.34
C GLU C 54 10.36 0.66 14.34
N GLY C 55 10.19 -0.67 14.35
CA GLY C 55 8.88 -1.29 14.46
C GLY C 55 8.11 -0.78 15.66
N ALA C 56 8.80 -0.66 16.79
CA ALA C 56 8.21 -0.15 18.02
C ALA C 56 7.60 1.23 17.84
N ARG C 57 8.29 2.11 17.12
CA ARG C 57 7.79 3.46 16.84
C ARG C 57 6.48 3.48 16.05
N TYR C 58 6.28 2.48 15.20
CA TYR C 58 5.06 2.41 14.38
C TYR C 58 3.85 1.85 15.11
N ILE C 59 4.04 1.31 16.31
CA ILE C 59 2.95 0.65 17.03
C ILE C 59 2.62 1.24 18.39
N VAL C 60 3.54 2.00 18.97
CA VAL C 60 3.37 2.52 20.32
C VAL C 60 2.23 3.54 20.46
N ASP C 61 1.98 4.34 19.42
CA ASP C 61 0.98 5.41 19.46
C ASP C 61 -0.44 4.97 19.04
N LEU C 62 -0.61 3.72 18.61
CA LEU C 62 -1.86 3.28 17.99
C LEU C 62 -3.13 3.21 18.86
N PRO C 63 -3.03 2.72 20.11
CA PRO C 63 -4.28 2.35 20.80
C PRO C 63 -5.36 3.42 20.90
N ARG C 64 -5.01 4.66 21.21
CA ARG C 64 -6.03 5.70 21.39
C ARG C 64 -6.84 5.97 20.11
N PHE C 65 -6.28 5.62 18.95
CA PHE C 65 -6.97 5.85 17.68
C PHE C 65 -7.99 4.79 17.34
N PHE C 66 -7.89 3.60 17.95
CA PHE C 66 -8.70 2.46 17.54
C PHE C 66 -9.84 2.15 18.51
N PRO C 67 -10.94 1.54 18.00
CA PRO C 67 -11.99 1.06 18.89
C PRO C 67 -11.47 0.08 19.92
N GLU C 68 -12.03 0.15 21.11
CA GLU C 68 -11.76 -0.81 22.15
C GLU C 68 -12.05 -2.23 21.64
N GLY C 69 -11.17 -3.16 21.98
CA GLY C 69 -11.25 -4.53 21.51
C GLY C 69 -10.39 -4.80 20.28
N THR C 70 -9.75 -3.77 19.73
CA THR C 70 -8.83 -3.95 18.61
C THR C 70 -7.62 -4.81 19.03
N VAL C 71 -7.21 -5.70 18.13
CA VAL C 71 -6.04 -6.53 18.29
C VAL C 71 -4.94 -5.95 17.39
N PHE C 72 -3.76 -5.73 17.96
CA PHE C 72 -2.60 -5.27 17.21
C PHE C 72 -1.67 -6.43 16.95
N ALA C 73 -1.56 -6.81 15.67
CA ALA C 73 -0.68 -7.89 15.22
C ALA C 73 0.57 -7.23 14.67
N THR C 74 1.67 -7.34 15.41
CA THR C 74 2.86 -6.52 15.15
C THR C 74 4.08 -7.42 15.10
N THR C 75 4.80 -7.43 13.97
CA THR C 75 5.83 -8.43 13.79
C THR C 75 7.00 -8.13 12.84
N THR C 76 8.21 -8.26 13.37
CA THR C 76 9.40 -8.57 12.61
C THR C 76 9.97 -9.79 13.32
N TYR C 77 10.25 -10.85 12.59
CA TYR C 77 10.48 -12.17 13.19
C TYR C 77 11.79 -12.85 12.75
N PRO C 78 12.94 -12.20 13.03
CA PRO C 78 14.21 -12.81 12.61
C PRO C 78 14.51 -14.17 13.26
N ALA C 79 13.90 -14.47 14.40
CA ALA C 79 14.06 -15.77 15.04
C ALA C 79 13.03 -16.79 14.56
N THR C 80 12.42 -16.54 13.40
CA THR C 80 11.46 -17.47 12.80
C THR C 80 12.06 -18.88 12.67
N GLY C 81 11.24 -19.86 12.98
CA GLY C 81 11.60 -21.27 12.88
C GLY C 81 12.40 -21.82 14.05
N THR C 82 12.59 -21.04 15.12
CA THR C 82 13.27 -21.50 16.33
C THR C 82 12.20 -21.89 17.36
N THR C 83 12.65 -22.31 18.54
CA THR C 83 11.76 -22.66 19.65
C THR C 83 11.10 -21.46 20.31
N THR C 84 11.46 -20.24 19.94
CA THR C 84 10.78 -19.05 20.46
C THR C 84 9.28 -19.08 20.14
N ARG C 85 8.50 -18.47 21.02
CA ARG C 85 7.08 -18.32 20.81
C ARG C 85 6.68 -16.87 21.07
N SER C 86 5.63 -16.44 20.39
CA SER C 86 5.15 -15.08 20.50
C SER C 86 4.59 -14.80 21.89
N VAL C 87 4.48 -13.52 22.18
CA VAL C 87 3.84 -13.04 23.41
C VAL C 87 2.55 -12.30 23.03
N ALA C 88 1.49 -12.55 23.79
CA ALA C 88 0.24 -11.82 23.64
C ALA C 88 -0.03 -11.10 24.97
N VAL C 89 -0.26 -9.80 24.89
CA VAL C 89 -0.42 -8.97 26.10
C VAL C 89 -1.69 -8.13 25.98
N ARG C 90 -2.38 -7.97 27.10
CA ARG C 90 -3.45 -7.00 27.23
C ARG C 90 -2.85 -5.78 27.91
N ILE C 91 -2.85 -4.64 27.23
CA ILE C 91 -2.27 -3.43 27.78
C ILE C 91 -3.18 -2.83 28.82
N LYS C 92 -2.64 -1.93 29.63
CA LYS C 92 -3.41 -1.30 30.68
C LYS C 92 -3.98 0.02 30.14
N GLN C 93 -3.17 1.06 30.08
CA GLN C 93 -3.65 2.38 29.70
C GLN C 93 -3.57 2.53 28.19
N ALA C 94 -4.66 2.99 27.57
CA ALA C 94 -4.65 3.31 26.16
C ALA C 94 -3.72 4.48 25.91
N ALA C 95 -3.69 5.42 26.85
CA ALA C 95 -2.69 6.51 26.89
C ALA C 95 -3.00 7.62 25.91
N LYS C 96 -3.00 8.84 26.43
CA LYS C 96 -3.12 10.04 25.63
C LYS C 96 -1.82 10.23 24.87
N GLY C 97 -1.86 11.11 23.88
CA GLY C 97 -0.67 11.37 23.06
C GLY C 97 -0.71 12.73 22.40
N GLY C 98 0.23 12.93 21.47
CA GLY C 98 0.30 14.16 20.73
C GLY C 98 1.24 15.17 21.34
N ALA C 99 1.38 16.30 20.67
CA ALA C 99 2.18 17.40 21.17
C ALA C 99 1.75 17.84 22.57
N ARG C 100 0.45 17.84 22.84
CA ARG C 100 -0.10 18.28 24.13
C ARG C 100 -0.36 17.18 25.16
N GLY C 101 -0.70 15.97 24.70
CA GLY C 101 -1.13 14.89 25.58
C GLY C 101 -2.64 14.90 25.73
N GLN C 102 -3.34 14.35 24.74
CA GLN C 102 -4.81 14.35 24.72
C GLN C 102 -5.40 13.08 24.09
N TRP C 103 -6.71 12.92 24.25
CA TRP C 103 -7.42 11.85 23.54
C TRP C 103 -7.59 12.27 22.08
N ALA C 104 -7.70 11.28 21.20
CA ALA C 104 -7.88 11.52 19.76
C ALA C 104 -9.36 11.59 19.41
N GLY C 105 -9.70 12.35 18.36
CA GLY C 105 -11.06 12.44 17.84
C GLY C 105 -11.61 13.86 17.89
N SER C 106 -12.84 14.01 17.42
CA SER C 106 -13.54 15.29 17.46
C SER C 106 -13.95 15.64 18.88
N GLY C 107 -14.34 16.89 19.10
CA GLY C 107 -14.70 17.37 20.42
C GLY C 107 -13.53 17.22 21.37
N ALA C 108 -13.78 16.65 22.55
CA ALA C 108 -12.72 16.44 23.53
C ALA C 108 -11.98 15.13 23.28
N GLY C 109 -12.33 14.38 22.22
CA GLY C 109 -11.67 13.12 21.90
C GLY C 109 -12.44 11.92 22.42
N PHE C 110 -11.99 10.74 22.03
CA PHE C 110 -12.59 9.49 22.44
C PHE C 110 -11.77 8.94 23.64
N GLU C 111 -12.32 9.01 24.85
CA GLU C 111 -11.70 8.39 26.02
C GLU C 111 -11.74 6.86 25.84
N ARG C 112 -10.61 6.18 26.07
CA ARG C 112 -10.57 4.72 25.94
C ARG C 112 -10.44 4.06 27.31
N ALA C 113 -11.24 3.05 27.53
CA ALA C 113 -11.19 2.26 28.77
C ALA C 113 -9.85 1.55 28.92
N GLU C 114 -9.44 1.31 30.17
CA GLU C 114 -8.24 0.50 30.43
C GLU C 114 -8.46 -0.97 30.01
N GLY C 115 -7.38 -1.70 29.74
CA GLY C 115 -7.47 -3.12 29.45
C GLY C 115 -8.20 -3.48 28.15
N SER C 116 -8.22 -2.56 27.20
CA SER C 116 -9.09 -2.69 26.02
C SER C 116 -8.40 -3.10 24.71
N TYR C 117 -7.08 -3.33 24.76
CA TYR C 117 -6.33 -3.65 23.54
C TYR C 117 -5.38 -4.77 23.81
N ILE C 118 -5.21 -5.64 22.81
CA ILE C 118 -4.29 -6.75 22.87
C ILE C 118 -3.23 -6.55 21.79
N TYR C 119 -1.97 -6.73 22.17
CA TYR C 119 -0.88 -6.80 21.19
C TYR C 119 -0.39 -8.23 21.15
N ILE C 120 -0.09 -8.72 19.95
CA ILE C 120 0.55 -10.01 19.78
C ILE C 120 1.74 -9.82 18.85
N ALA C 121 2.89 -10.33 19.30
CA ALA C 121 4.18 -10.05 18.69
C ALA C 121 5.19 -11.15 18.99
N PRO C 122 6.24 -11.25 18.16
CA PRO C 122 7.42 -12.01 18.62
C PRO C 122 7.88 -11.50 19.97
N ASN C 123 8.39 -12.40 20.80
CA ASN C 123 8.95 -12.04 22.09
C ASN C 123 10.42 -11.69 21.87
N ASN C 124 10.66 -10.57 21.18
CA ASN C 124 12.01 -10.13 20.82
C ASN C 124 12.28 -8.66 21.14
N GLY C 125 11.44 -8.08 21.99
CA GLY C 125 11.58 -6.67 22.34
C GLY C 125 10.79 -5.68 21.52
N LEU C 126 10.09 -6.15 20.48
CA LEU C 126 9.26 -5.26 19.65
C LEU C 126 8.24 -4.46 20.48
N LEU C 127 7.70 -5.06 21.54
CA LEU C 127 6.73 -4.43 22.41
C LEU C 127 7.33 -3.59 23.56
N THR C 128 8.64 -3.36 23.58
CA THR C 128 9.30 -2.61 24.68
C THR C 128 8.61 -1.28 25.01
N THR C 129 8.46 -0.41 24.02
CA THR C 129 7.87 0.91 24.27
C THR C 129 6.36 0.82 24.49
N VAL C 130 5.69 -0.14 23.87
CA VAL C 130 4.26 -0.37 24.16
C VAL C 130 4.06 -0.63 25.66
N LEU C 131 4.88 -1.51 26.22
CA LEU C 131 4.76 -1.88 27.63
C LEU C 131 5.16 -0.72 28.54
N GLU C 132 6.22 0.01 28.17
CA GLU C 132 6.62 1.20 28.93
C GLU C 132 5.54 2.26 29.00
N GLU C 133 4.94 2.58 27.86
CA GLU C 133 4.01 3.71 27.78
C GLU C 133 2.58 3.35 28.15
N HIS C 134 2.18 2.09 27.97
CA HIS C 134 0.82 1.68 28.25
C HIS C 134 0.69 0.79 29.49
N GLY C 135 1.78 0.15 29.92
CA GLY C 135 1.71 -0.90 30.93
C GLY C 135 0.97 -2.11 30.41
N TYR C 136 0.84 -3.14 31.23
CA TYR C 136 0.00 -4.29 30.88
C TYR C 136 -0.62 -4.97 32.08
N LEU C 137 -1.71 -5.66 31.82
CA LEU C 137 -2.46 -6.37 32.84
C LEU C 137 -2.16 -7.86 32.86
N GLU C 138 -1.86 -8.43 31.69
CA GLU C 138 -1.57 -9.85 31.57
C GLU C 138 -0.79 -10.11 30.29
N ALA C 139 0.04 -11.14 30.32
CA ALA C 139 0.90 -11.50 29.20
C ALA C 139 1.00 -13.01 29.17
N TYR C 140 0.88 -13.60 27.97
CA TYR C 140 0.94 -15.05 27.79
C TYR C 140 1.84 -15.41 26.63
N GLU C 141 2.45 -16.60 26.76
CA GLU C 141 3.20 -17.21 25.69
C GLU C 141 2.18 -17.84 24.75
N VAL C 142 2.38 -17.69 23.44
CA VAL C 142 1.44 -18.20 22.46
C VAL C 142 1.89 -19.58 21.97
N THR C 143 1.28 -20.62 22.54
CA THR C 143 1.68 -22.02 22.26
C THR C 143 0.56 -22.97 21.88
N SER C 144 -0.69 -22.63 22.16
CA SER C 144 -1.78 -23.57 21.94
C SER C 144 -1.99 -23.86 20.44
N PRO C 145 -2.06 -25.16 20.06
CA PRO C 145 -2.38 -25.51 18.69
C PRO C 145 -3.81 -25.15 18.26
N LYS C 146 -4.63 -24.68 19.18
CA LYS C 146 -5.91 -24.05 18.82
C LYS C 146 -5.72 -22.70 18.10
N VAL C 147 -4.59 -22.03 18.32
CA VAL C 147 -4.33 -20.69 17.75
C VAL C 147 -3.07 -20.55 16.89
N ILE C 148 -2.19 -21.56 16.89
CA ILE C 148 -1.03 -21.60 15.99
C ILE C 148 -0.99 -22.95 15.28
N PRO C 149 -0.27 -23.04 14.14
CA PRO C 149 -0.13 -24.33 13.48
C PRO C 149 0.62 -25.34 14.35
N GLU C 150 0.18 -26.59 14.31
CA GLU C 150 0.94 -27.71 14.88
C GLU C 150 2.29 -27.87 14.19
N GLN C 151 2.35 -27.60 12.89
CA GLN C 151 3.56 -27.68 12.10
C GLN C 151 3.83 -26.34 11.41
N PRO C 152 4.35 -25.35 12.17
CA PRO C 152 4.51 -24.01 11.62
C PRO C 152 5.58 -23.94 10.52
N GLU C 153 5.29 -23.17 9.47
CA GLU C 153 6.26 -22.91 8.40
C GLU C 153 7.51 -22.31 9.01
N PRO C 154 8.68 -22.95 8.86
CA PRO C 154 9.87 -22.45 9.56
C PRO C 154 10.26 -20.99 9.28
N THR C 155 10.14 -20.56 8.02
CA THR C 155 10.55 -19.21 7.64
C THR C 155 9.40 -18.20 7.60
N PHE C 156 8.25 -18.53 8.21
CA PHE C 156 7.13 -17.59 8.18
C PHE C 156 6.39 -17.46 9.49
N TYR C 157 7.12 -17.32 10.59
CA TYR C 157 6.47 -17.13 11.91
C TYR C 157 5.63 -15.85 12.02
N SER C 158 5.90 -14.81 11.22
CA SER C 158 5.01 -13.62 11.22
C SER C 158 3.58 -13.99 10.86
N ARG C 159 3.42 -15.00 10.00
CA ARG C 159 2.12 -15.55 9.65
C ARG C 159 1.66 -16.55 10.71
N GLU C 160 2.52 -17.52 11.06
CA GLU C 160 2.13 -18.65 11.89
C GLU C 160 1.86 -18.28 13.34
N MET C 161 2.69 -17.38 13.88
CA MET C 161 2.74 -17.07 15.29
C MET C 161 2.25 -15.67 15.62
N VAL C 162 1.81 -14.92 14.62
CA VAL C 162 1.27 -13.59 14.84
C VAL C 162 -0.04 -13.44 14.10
N ALA C 163 -0.04 -13.52 12.78
CA ALA C 163 -1.26 -13.29 11.99
C ALA C 163 -2.38 -14.26 12.38
N ILE C 164 -2.06 -15.54 12.35
CA ILE C 164 -3.04 -16.58 12.67
C ILE C 164 -3.63 -16.41 14.08
N PRO C 165 -2.78 -16.40 15.13
CA PRO C 165 -3.36 -16.26 16.47
C PRO C 165 -4.06 -14.93 16.70
N SER C 166 -3.62 -13.85 16.02
CA SER C 166 -4.32 -12.56 16.14
C SER C 166 -5.77 -12.65 15.71
N ALA C 167 -6.02 -13.46 14.68
CA ALA C 167 -7.36 -13.64 14.14
C ALA C 167 -8.25 -14.45 15.10
N HIS C 168 -7.66 -15.46 15.75
CA HIS C 168 -8.35 -16.19 16.81
C HIS C 168 -8.73 -15.28 17.97
N LEU C 169 -7.80 -14.42 18.38
CA LEU C 169 -8.08 -13.43 19.43
C LEU C 169 -9.16 -12.46 18.98
N ALA C 170 -9.11 -11.98 17.74
CA ALA C 170 -10.15 -11.08 17.23
C ALA C 170 -11.53 -11.78 17.21
N ALA C 171 -11.52 -13.07 16.91
CA ALA C 171 -12.73 -13.90 16.90
C ALA C 171 -13.28 -14.24 18.29
N GLY C 172 -12.57 -13.85 19.35
CA GLY C 172 -13.04 -14.07 20.73
C GLY C 172 -12.39 -15.22 21.47
N PHE C 173 -11.36 -15.83 20.90
CA PHE C 173 -10.62 -16.85 21.63
C PHE C 173 -10.06 -16.24 22.92
N PRO C 174 -10.28 -16.90 24.09
CA PRO C 174 -9.84 -16.28 25.34
C PRO C 174 -8.32 -16.08 25.40
N LEU C 175 -7.90 -14.85 25.70
CA LEU C 175 -6.49 -14.52 25.74
C LEU C 175 -5.70 -15.44 26.67
N SER C 176 -6.27 -15.75 27.84
CA SER C 176 -5.54 -16.56 28.81
C SER C 176 -5.37 -18.04 28.41
N GLU C 177 -6.07 -18.48 27.37
CA GLU C 177 -5.94 -19.85 26.85
C GLU C 177 -4.89 -20.03 25.74
N VAL C 178 -4.20 -18.97 25.33
CA VAL C 178 -3.19 -19.10 24.25
C VAL C 178 -1.93 -19.85 24.71
N GLY C 179 -1.69 -19.84 26.01
CA GLY C 179 -0.57 -20.57 26.61
C GLY C 179 -0.30 -20.04 27.99
N ARG C 180 0.83 -20.39 28.58
CA ARG C 180 1.09 -20.08 29.98
C ARG C 180 1.34 -18.59 30.20
N PRO C 181 1.04 -18.09 31.41
CA PRO C 181 1.39 -16.71 31.70
C PRO C 181 2.90 -16.50 31.75
N LEU C 182 3.34 -15.33 31.30
CA LEU C 182 4.75 -14.97 31.29
C LEU C 182 5.01 -14.04 32.45
N GLU C 183 6.11 -14.28 33.16
CA GLU C 183 6.58 -13.33 34.16
C GLU C 183 7.23 -12.17 33.45
N ASP C 184 7.29 -11.03 34.12
CA ASP C 184 7.78 -9.80 33.50
C ASP C 184 9.17 -9.95 32.92
N HIS C 185 10.06 -10.65 33.64
CA HIS C 185 11.44 -10.82 33.20
C HIS C 185 11.57 -11.72 31.96
N GLU C 186 10.54 -12.49 31.64
CA GLU C 186 10.54 -13.36 30.45
C GLU C 186 10.10 -12.61 29.18
N ILE C 187 9.65 -11.36 29.32
CA ILE C 187 9.28 -10.55 28.17
C ILE C 187 10.52 -9.75 27.79
N VAL C 188 11.06 -10.05 26.62
CA VAL C 188 12.31 -9.46 26.17
C VAL C 188 12.11 -7.95 25.94
N ARG C 189 13.11 -7.18 26.34
CA ARG C 189 13.13 -5.73 26.14
C ARG C 189 14.39 -5.32 25.41
N PHE C 190 14.29 -4.30 24.58
CA PHE C 190 15.48 -3.61 24.10
C PHE C 190 15.78 -2.43 25.03
N ASN C 191 17.03 -2.02 25.07
CA ASN C 191 17.44 -0.88 25.85
C ASN C 191 17.12 0.42 25.11
N ARG C 192 16.40 1.32 25.76
CA ARG C 192 16.15 2.64 25.19
C ARG C 192 17.22 3.58 25.72
N PRO C 193 18.10 4.06 24.82
CA PRO C 193 19.09 5.04 25.31
C PRO C 193 18.40 6.30 25.82
N ALA C 194 18.82 6.79 26.98
CA ALA C 194 18.14 7.92 27.62
C ALA C 194 18.56 9.23 26.99
N VAL C 195 17.71 10.23 27.16
CA VAL C 195 18.04 11.62 26.87
C VAL C 195 18.83 12.12 28.07
N GLU C 196 20.04 12.63 27.83
CA GLU C 196 20.91 13.12 28.91
C GLU C 196 20.73 14.62 29.09
N GLN C 197 20.80 15.08 30.35
CA GLN C 197 21.05 16.49 30.63
C GLN C 197 22.56 16.70 30.69
N ASP C 198 23.03 17.76 30.04
CA ASP C 198 24.46 18.03 29.90
C ASP C 198 24.68 19.51 30.15
N GLY C 199 24.72 19.85 31.43
CA GLY C 199 24.59 21.23 31.86
C GLY C 199 23.14 21.64 31.67
N GLU C 200 22.93 22.72 30.94
CA GLU C 200 21.60 23.21 30.60
C GLU C 200 20.96 22.48 29.39
N ALA C 201 21.80 21.92 28.52
CA ALA C 201 21.36 21.29 27.27
C ALA C 201 20.76 19.89 27.48
N LEU C 202 19.85 19.51 26.57
CA LEU C 202 19.36 18.13 26.47
C LEU C 202 20.03 17.47 25.27
N VAL C 203 20.53 16.25 25.47
CA VAL C 203 21.33 15.56 24.48
C VAL C 203 20.69 14.22 24.14
N GLY C 204 20.26 14.10 22.88
CA GLY C 204 19.58 12.92 22.38
C GLY C 204 20.06 12.58 21.00
N VAL C 205 19.18 12.00 20.20
CA VAL C 205 19.50 11.55 18.85
C VAL C 205 18.32 11.87 17.92
N VAL C 206 18.59 11.88 16.62
CA VAL C 206 17.54 11.84 15.61
C VAL C 206 16.99 10.41 15.65
N SER C 207 15.73 10.26 16.05
CA SER C 207 15.06 8.95 16.10
C SER C 207 14.60 8.49 14.72
N ALA C 208 14.25 9.45 13.85
CA ALA C 208 13.73 9.13 12.54
C ALA C 208 13.79 10.30 11.60
N ILE C 209 13.96 9.99 10.31
CA ILE C 209 13.64 10.93 9.26
C ILE C 209 12.20 10.67 8.93
N ASP C 210 11.40 11.72 9.01
CA ASP C 210 9.95 11.62 8.86
C ASP C 210 9.54 11.65 7.38
N HIS C 211 9.43 10.47 6.79
CA HIS C 211 9.08 10.35 5.38
C HIS C 211 7.58 10.53 5.24
N PRO C 212 7.07 11.10 4.16
CA PRO C 212 7.81 11.50 2.95
C PRO C 212 8.26 12.97 2.92
N PHE C 213 8.23 13.65 4.06
CA PHE C 213 8.49 15.09 4.12
C PHE C 213 9.96 15.44 4.29
N GLY C 214 10.72 14.52 4.89
CA GLY C 214 12.07 14.83 5.33
C GLY C 214 12.16 15.76 6.54
N ASN C 215 11.16 15.70 7.42
CA ASN C 215 11.29 16.35 8.73
C ASN C 215 12.22 15.49 9.58
N VAL C 216 12.78 16.07 10.63
CA VAL C 216 13.74 15.40 11.48
C VAL C 216 13.11 15.25 12.86
N TRP C 217 12.92 14.01 13.28
CA TRP C 217 12.33 13.70 14.56
C TRP C 217 13.41 13.29 15.54
N THR C 218 13.38 13.83 16.76
CA THR C 218 14.34 13.44 17.78
C THR C 218 13.67 12.59 18.85
N ASN C 219 14.48 11.97 19.69
CA ASN C 219 13.98 11.27 20.88
C ASN C 219 13.83 12.16 22.12
N ILE C 220 13.89 13.48 21.96
CA ILE C 220 13.69 14.42 23.06
C ILE C 220 12.19 14.73 23.16
N HIS C 221 11.59 14.25 24.25
CA HIS C 221 10.15 14.31 24.43
C HIS C 221 9.72 15.63 25.05
N ARG C 222 8.45 15.98 24.87
CA ARG C 222 7.85 17.13 25.57
C ARG C 222 8.24 17.16 27.05
N THR C 223 8.16 16.00 27.71
CA THR C 223 8.45 15.88 29.15
C THR C 223 9.89 16.22 29.48
N ASP C 224 10.81 15.87 28.59
CA ASP C 224 12.20 16.31 28.71
C ASP C 224 12.33 17.83 28.59
N LEU C 225 11.61 18.42 27.64
CA LEU C 225 11.59 19.88 27.49
C LEU C 225 11.00 20.58 28.71
N GLU C 226 9.86 20.08 29.19
CA GLU C 226 9.20 20.64 30.38
C GLU C 226 10.11 20.61 31.59
N LYS C 227 10.80 19.50 31.79
CA LYS C 227 11.83 19.37 32.82
C LYS C 227 12.91 20.45 32.80
N ALA C 228 13.28 20.93 31.62
CA ALA C 228 14.25 22.02 31.46
C ALA C 228 13.61 23.41 31.34
N GLY C 229 12.30 23.52 31.55
CA GLY C 229 11.58 24.79 31.43
C GLY C 229 11.32 25.32 30.02
N ILE C 230 11.52 24.48 29.00
CA ILE C 230 11.39 24.90 27.61
C ILE C 230 9.94 24.72 27.16
N GLY C 231 9.31 25.83 26.77
CA GLY C 231 7.95 25.84 26.26
C GLY C 231 7.90 26.59 24.94
N TYR C 232 6.71 26.62 24.33
CA TYR C 232 6.51 27.36 23.09
C TYR C 232 6.95 28.82 23.24
N GLY C 233 7.67 29.32 22.23
CA GLY C 233 8.22 30.68 22.25
C GLY C 233 9.69 30.76 22.63
N ALA C 234 10.23 29.75 23.31
CA ALA C 234 11.63 29.74 23.72
C ALA C 234 12.56 29.70 22.51
N ARG C 235 13.53 30.60 22.48
CA ARG C 235 14.56 30.58 21.45
C ARG C 235 15.52 29.42 21.70
N LEU C 236 15.57 28.49 20.76
CA LEU C 236 16.38 27.29 20.90
C LEU C 236 17.50 27.26 19.92
N ARG C 237 18.56 26.60 20.36
CA ARG C 237 19.65 26.22 19.51
C ARG C 237 19.58 24.70 19.51
N LEU C 238 19.31 24.13 18.33
CA LEU C 238 19.23 22.68 18.16
C LEU C 238 20.35 22.29 17.22
N THR C 239 21.33 21.54 17.75
CA THR C 239 22.49 21.16 16.98
C THR C 239 22.35 19.70 16.54
N LEU C 240 22.48 19.45 15.24
CA LEU C 240 22.42 18.09 14.69
C LEU C 240 23.79 17.65 14.25
N ASP C 241 24.07 16.36 14.45
CA ASP C 241 25.28 15.72 13.95
C ASP C 241 26.58 16.36 14.49
N GLY C 242 26.49 16.99 15.66
CA GLY C 242 27.61 17.71 16.26
C GLY C 242 27.98 19.07 15.68
N VAL C 243 27.47 19.41 14.50
CA VAL C 243 28.01 20.55 13.72
C VAL C 243 27.00 21.53 13.12
N LEU C 244 25.69 21.26 13.14
CA LEU C 244 24.68 22.07 12.49
C LEU C 244 23.83 22.71 13.58
N PRO C 245 24.24 23.90 14.04
CA PRO C 245 23.46 24.59 15.07
C PRO C 245 22.28 25.49 14.64
N PHE C 246 21.10 24.90 14.52
CA PHE C 246 19.97 25.59 13.92
C PHE C 246 19.45 26.40 15.07
N GLU C 247 18.83 27.53 14.74
CA GLU C 247 18.29 28.42 15.75
C GLU C 247 16.93 28.89 15.32
N ALA C 248 15.95 28.65 16.18
CA ALA C 248 14.60 29.07 15.94
C ALA C 248 13.84 28.99 17.26
N PRO C 249 12.75 29.75 17.38
CA PRO C 249 11.89 29.55 18.54
C PRO C 249 11.11 28.23 18.40
N LEU C 250 10.74 27.63 19.54
CA LEU C 250 9.83 26.49 19.51
C LEU C 250 8.44 26.98 19.15
N THR C 251 7.88 26.44 18.09
CA THR C 251 6.56 26.81 17.63
C THR C 251 5.66 25.58 17.48
N PRO C 252 4.34 25.78 17.52
CA PRO C 252 3.46 24.63 17.34
C PRO C 252 3.56 23.96 15.96
N THR C 253 3.84 24.73 14.93
CA THR C 253 3.71 24.20 13.58
C THR C 253 4.69 24.81 12.58
N PHE C 254 4.62 24.29 11.35
CA PHE C 254 5.62 24.58 10.33
C PHE C 254 5.50 26.03 9.82
N ALA C 255 4.27 26.45 9.53
CA ALA C 255 3.99 27.79 9.01
C ALA C 255 4.44 28.93 9.93
N ASP C 256 4.61 28.63 11.21
CA ASP C 256 5.11 29.65 12.16
C ASP C 256 6.52 30.13 11.84
N ALA C 257 7.28 29.36 11.06
CA ALA C 257 8.60 29.80 10.59
C ALA C 257 8.55 30.95 9.56
N GLY C 258 7.37 31.26 9.04
CA GLY C 258 7.17 32.36 8.12
C GLY C 258 7.31 31.90 6.67
N GLU C 259 8.33 32.41 6.00
CA GLU C 259 8.54 32.12 4.58
C GLU C 259 8.77 30.61 4.35
N ILE C 260 8.27 30.12 3.22
CA ILE C 260 8.52 28.74 2.77
C ILE C 260 10.03 28.49 2.75
N GLY C 261 10.44 27.35 3.31
CA GLY C 261 11.86 27.01 3.42
C GLY C 261 12.53 27.35 4.75
N ASN C 262 11.97 28.26 5.53
CA ASN C 262 12.56 28.62 6.83
C ASN C 262 12.48 27.47 7.83
N ILE C 263 13.44 27.47 8.74
CA ILE C 263 13.51 26.46 9.80
C ILE C 263 12.42 26.62 10.86
N ALA C 264 11.75 25.50 11.15
CA ALA C 264 10.80 25.40 12.25
C ALA C 264 11.30 24.35 13.23
N ILE C 265 11.28 24.69 14.51
CA ILE C 265 11.54 23.75 15.60
C ILE C 265 10.22 23.64 16.35
N TYR C 266 9.75 22.40 16.52
CA TYR C 266 8.38 22.14 16.94
C TYR C 266 8.25 20.81 17.69
N LEU C 267 7.07 20.60 18.28
CA LEU C 267 6.73 19.30 18.84
C LEU C 267 5.87 18.57 17.82
N ASN C 268 6.33 17.36 17.43
CA ASN C 268 5.60 16.58 16.44
C ASN C 268 4.34 15.96 17.04
N SER C 269 3.56 15.29 16.20
CA SER C 269 2.29 14.73 16.63
C SER C 269 2.42 13.53 17.57
N ARG C 270 3.65 13.05 17.78
CA ARG C 270 3.91 11.95 18.69
C ARG C 270 4.48 12.45 20.02
N GLY C 271 4.63 13.77 20.14
CA GLY C 271 5.08 14.41 21.38
C GLY C 271 6.56 14.72 21.48
N TYR C 272 7.30 14.63 20.37
CA TYR C 272 8.75 14.77 20.37
C TYR C 272 9.24 15.99 19.66
N LEU C 273 10.32 16.55 20.21
CA LEU C 273 11.02 17.66 19.60
C LEU C 273 11.52 17.29 18.21
N SER C 274 11.25 18.18 17.26
CA SER C 274 11.50 17.93 15.85
C SER C 274 11.96 19.21 15.19
N ILE C 275 12.57 19.05 14.01
CA ILE C 275 12.98 20.20 13.21
C ILE C 275 12.69 19.93 11.74
N ALA C 276 12.30 20.98 11.04
CA ALA C 276 11.84 20.92 9.67
C ALA C 276 12.09 22.25 8.99
N ARG C 277 11.87 22.25 7.68
CA ARG C 277 11.68 23.49 6.96
C ARG C 277 10.20 23.63 6.66
N ASN C 278 9.75 24.88 6.55
CA ASN C 278 8.36 25.15 6.26
C ASN C 278 8.02 24.86 4.80
N ALA C 279 7.28 23.76 4.59
CA ALA C 279 6.86 23.34 3.27
C ALA C 279 8.04 23.15 2.32
N ALA C 280 9.11 22.58 2.86
CA ALA C 280 10.25 22.13 2.08
C ALA C 280 10.89 21.03 2.91
N SER C 281 11.68 20.17 2.28
CA SER C 281 12.31 19.09 3.00
C SER C 281 13.62 19.54 3.63
N LEU C 282 13.78 19.26 4.93
CA LEU C 282 15.04 19.53 5.61
C LEU C 282 16.04 18.41 5.36
N ALA C 283 15.61 17.18 5.59
CA ALA C 283 16.53 16.03 5.64
C ALA C 283 17.07 15.62 4.29
N TYR C 284 16.25 15.67 3.25
CA TYR C 284 16.63 15.06 1.96
C TYR C 284 17.74 15.77 1.23
N PRO C 285 17.65 17.11 1.08
CA PRO C 285 18.77 17.81 0.43
C PRO C 285 20.12 17.62 1.11
N TYR C 286 20.15 17.56 2.44
CA TYR C 286 21.40 17.44 3.21
C TYR C 286 21.70 16.04 3.68
N HIS C 287 20.89 15.06 3.26
CA HIS C 287 21.10 13.65 3.63
C HIS C 287 21.27 13.46 5.13
N LEU C 288 20.40 14.10 5.90
CA LEU C 288 20.37 13.91 7.35
C LEU C 288 19.80 12.53 7.62
N LYS C 289 20.23 11.93 8.74
CA LYS C 289 19.97 10.52 8.99
C LYS C 289 19.61 10.25 10.43
N GLU C 290 18.79 9.22 10.61
CA GLU C 290 18.54 8.61 11.89
C GLU C 290 19.86 8.25 12.59
N GLY C 291 19.95 8.52 13.88
CA GLY C 291 21.14 8.18 14.65
C GLY C 291 22.15 9.31 14.81
N MET C 292 22.01 10.38 14.01
CA MET C 292 22.78 11.60 14.24
C MET C 292 22.41 12.19 15.62
N SER C 293 23.40 12.78 16.29
CA SER C 293 23.17 13.39 17.59
C SER C 293 22.25 14.59 17.45
N ALA C 294 21.51 14.87 18.51
CA ALA C 294 20.63 16.03 18.56
C ALA C 294 20.74 16.65 19.95
N ARG C 295 21.23 17.88 20.01
CA ARG C 295 21.41 18.62 21.25
C ARG C 295 20.50 19.84 21.17
N VAL C 296 19.73 20.11 22.22
CA VAL C 296 18.91 21.32 22.28
C VAL C 296 19.21 22.08 23.58
N GLU C 297 19.22 23.41 23.47
CA GLU C 297 19.44 24.29 24.61
C GLU C 297 18.75 25.62 24.36
N ALA C 298 18.32 26.27 25.43
CA ALA C 298 17.79 27.62 25.37
C ALA C 298 18.93 28.62 25.36
N1 Y3J D . 6.06 21.83 6.23
C2 Y3J D . 4.72 22.12 5.97
N3 Y3J D . 3.80 21.11 6.05
C4 Y3J D . 4.22 19.87 6.40
C5 Y3J D . 5.52 19.60 6.65
C6 Y3J D . 6.45 20.59 6.54
N6 Y3J D . 7.73 20.32 6.80
N7 Y3J D . 5.61 18.32 6.96
C8 Y3J D . 4.40 17.78 6.89
N9 Y3J D . 3.54 18.74 6.52
FAB Y3J D . -1.05 18.08 9.00
FAG Y3J D . -1.30 16.21 7.98
CAH Y3J D . -0.59 17.15 8.28
CAI Y3J D . 0.22 17.71 7.13
OAJ Y3J D . 1.44 18.30 7.55
CAK Y3J D . 2.07 18.75 6.33
CAQ Y3J D . 0.61 16.75 5.96
CAR Y3J D . 1.38 17.83 5.33
OAS Y3J D . -0.57 16.46 5.16
OAT Y3J D . 1.30 18.09 3.97
O1 TLA E . -1.84 4.13 -16.64
O11 TLA E . -1.79 3.17 -18.60
C1 TLA E . -2.18 3.23 -17.41
C2 TLA E . -3.08 2.17 -16.84
O2 TLA E . -3.65 1.50 -17.95
C3 TLA E . -4.17 2.72 -15.89
O3 TLA E . -3.61 2.78 -14.56
C4 TLA E . -4.75 4.07 -16.28
O4 TLA E . -4.85 4.99 -15.41
O41 TLA E . -5.13 4.21 -17.47
N1 Y3J F . 2.10 -0.74 -23.30
C2 Y3J F . 1.29 -1.86 -23.17
N3 Y3J F . 0.46 -1.94 -22.04
C4 Y3J F . 0.48 -0.94 -21.14
C5 Y3J F . 1.30 0.15 -21.29
C6 Y3J F . 2.11 0.23 -22.37
N6 Y3J F . 2.92 1.28 -22.51
N7 Y3J F . 1.09 0.94 -20.23
C8 Y3J F . 0.17 0.36 -19.45
N9 Y3J F . -0.19 -0.81 -20.01
FAB Y3J F . -4.95 -1.89 -17.18
FAG Y3J F . -5.30 -1.93 -19.31
CAH Y3J F . -4.47 -1.50 -18.28
CAI Y3J F . -3.15 -2.17 -18.57
OAJ Y3J F . -2.49 -1.36 -19.56
CAK Y3J F . -1.17 -1.89 -19.66
CAQ Y3J F . -2.19 -2.26 -17.41
CAR Y3J F . -1.10 -2.64 -18.37
OAS Y3J F . -2.54 -3.38 -16.60
OAT Y3J F . -0.13 -3.59 -18.08
O1 TLA G . 10.14 -13.73 2.45
O11 TLA G . 11.38 -14.71 3.97
C1 TLA G . 10.31 -14.16 3.60
C2 TLA G . 9.18 -13.99 4.57
O2 TLA G . 9.41 -14.83 5.68
C3 TLA G . 7.79 -14.28 3.96
O3 TLA G . 7.39 -13.08 3.31
C4 TLA G . 7.75 -15.42 2.97
O4 TLA G . 7.15 -15.26 1.87
O41 TLA G . 8.31 -16.49 3.29
N1 Y3J H . 17.13 -13.69 8.27
C2 Y3J H . 16.35 -13.71 9.44
N3 Y3J H . 15.00 -13.48 9.32
C4 Y3J H . 14.46 -13.28 8.10
C5 Y3J H . 15.22 -13.25 6.98
C6 Y3J H . 16.58 -13.47 7.09
N6 Y3J H . 17.36 -13.46 6.01
N7 Y3J H . 14.40 -13.02 5.97
C8 Y3J H . 13.16 -12.86 6.42
N9 Y3J H . 13.21 -13.02 7.75
FAB Y3J H . 7.75 -13.85 8.77
FAG Y3J H . 8.89 -15.41 9.57
CAH Y3J H . 8.85 -14.41 8.70
CAI Y3J H . 9.97 -13.49 9.15
OAJ Y3J H . 11.18 -13.97 8.54
CAK Y3J H . 12.19 -13.01 8.84
CAQ Y3J H . 9.90 -12.05 8.71
CAR Y3J H . 11.29 -11.80 9.25
OAS Y3J H . 9.00 -11.32 9.53
OAT Y3J H . 11.73 -10.55 9.29
O1 TLA I . 4.68 13.47 9.73
O11 TLA I . 4.50 15.68 9.78
C1 TLA I . 4.02 14.53 9.64
C2 TLA I . 2.56 14.37 9.36
O2 TLA I . 1.89 15.60 9.61
C3 TLA I . 1.89 13.24 10.16
O3 TLA I . 1.96 12.04 9.38
C4 TLA I . 2.47 12.96 11.53
O4 TLA I . 2.82 11.79 11.84
O41 TLA I . 2.59 13.92 12.32
#